data_8Z4C
#
_entry.id   8Z4C
#
_cell.length_a   71.160
_cell.length_b   65.290
_cell.length_c   100.140
_cell.angle_alpha   90.00
_cell.angle_beta   97.90
_cell.angle_gamma   90.00
#
_symmetry.space_group_name_H-M   'P 1 21 1'
#
loop_
_entity.id
_entity.type
_entity.pdbx_description
1 polymer 'Fab 59D8 heavy chain'
2 polymer 'Fab 59D8 light chain'
3 water water
#
loop_
_entity_poly.entity_id
_entity_poly.type
_entity_poly.pdbx_seq_one_letter_code
_entity_poly.pdbx_strand_id
1 'polypeptide(L)'
;QVQLQQSGGDLVKPGGSLKLSCAASGFSFSSYGMSWVRQTPDKRLEWVASISSGGRHTYYPDSVKGRFTISRDNAKNTLY
LQMSSLKSEDTAMYFCARQEGDYDDWGQGTTVTVSSASTKGPSVFPLAPCSRSTSESTAALGCLVKDYFPEPVTVSWNSG
ALTSGVHTFPAVLQSSGLYSLSSVVTVPSSSLGTKTYTCNVDHKPSNTKVDKRVHHHHHHHH
;
H,A
2 'polypeptide(L)'
;DIELTQSPLTLSVIIGQPASISCKSSQSLLYSDGTTYLNWLLQRPGQSPKRLIYLVSKVDSGVPDRFTGSGSGTDFTLKI
SRVEAEDLGVYYCWQGTHFPFTFGSGTKLELKRRTVAAPSVFIFPPSDEQLKSGTASVVCLLNNFYPREAKVQWKVDNAL
QSGNSQESVTEQDSKDSTYSLSSTLTLSKADYEKHKVYACEVTHQGLSSPVTKSFNRGEC
;
L,D
#
# COMPACT_ATOMS: atom_id res chain seq x y z
N GLN A 1 -0.69 36.48 7.07
CA GLN A 1 0.29 35.67 6.36
C GLN A 1 -0.45 34.49 5.71
N VAL A 2 -0.45 34.49 4.38
CA VAL A 2 -1.12 33.44 3.63
C VAL A 2 -0.41 32.13 3.93
N GLN A 3 -1.19 31.11 4.30
CA GLN A 3 -0.59 29.86 4.72
C GLN A 3 -1.40 28.69 4.18
N LEU A 4 -0.72 27.73 3.56
CA LEU A 4 -1.35 26.53 3.03
C LEU A 4 -0.63 25.31 3.60
N GLN A 5 -1.18 24.73 4.67
CA GLN A 5 -0.58 23.61 5.37
C GLN A 5 -1.18 22.30 4.85
N GLN A 6 -0.34 21.49 4.22
CA GLN A 6 -0.77 20.24 3.58
C GLN A 6 -0.52 19.02 4.45
N SER A 7 -1.27 17.96 4.16
CA SER A 7 -1.14 16.67 4.84
C SER A 7 0.19 16.00 4.49
N GLY A 8 0.57 15.02 5.33
CA GLY A 8 1.86 14.39 5.16
C GLY A 8 1.94 13.45 3.98
N GLY A 9 3.17 13.16 3.57
CA GLY A 9 3.39 12.27 2.44
C GLY A 9 2.97 10.86 2.77
N ASP A 10 2.70 10.07 1.72
CA ASP A 10 2.14 8.76 1.98
C ASP A 10 2.35 7.83 0.78
N LEU A 11 2.40 6.54 1.08
CA LEU A 11 2.59 5.49 0.10
C LEU A 11 1.25 4.84 -0.25
N VAL A 12 1.01 4.61 -1.53
CA VAL A 12 -0.25 4.00 -1.99
C VAL A 12 0.08 2.94 -3.02
N LYS A 13 -0.64 1.82 -2.95
CA LYS A 13 -0.44 0.76 -3.93
C LYS A 13 -1.05 1.17 -5.27
N PRO A 14 -0.52 0.63 -6.38
CA PRO A 14 -1.14 0.89 -7.68
C PRO A 14 -2.60 0.46 -7.66
N GLY A 15 -3.46 1.29 -8.26
CA GLY A 15 -4.88 1.06 -8.17
C GLY A 15 -5.52 1.53 -6.88
N GLY A 16 -4.73 1.87 -5.87
CA GLY A 16 -5.25 2.32 -4.60
C GLY A 16 -5.79 3.75 -4.66
N SER A 17 -6.29 4.21 -3.53
CA SER A 17 -6.90 5.53 -3.41
C SER A 17 -6.34 6.25 -2.20
N LEU A 18 -6.40 7.58 -2.25
CA LEU A 18 -5.82 8.43 -1.21
C LEU A 18 -6.47 9.80 -1.28
N LYS A 19 -6.66 10.43 -0.11
CA LYS A 19 -7.25 11.76 -0.03
C LYS A 19 -6.24 12.71 0.59
N LEU A 20 -5.86 13.75 -0.16
CA LEU A 20 -4.95 14.77 0.32
C LEU A 20 -5.73 15.97 0.82
N SER A 21 -5.18 16.66 1.82
CA SER A 21 -5.85 17.83 2.38
C SER A 21 -4.87 18.98 2.50
N CYS A 22 -5.42 20.19 2.43
CA CYS A 22 -4.64 21.42 2.49
C CYS A 22 -5.44 22.41 3.31
N ALA A 23 -4.93 22.79 4.48
CA ALA A 23 -5.64 23.70 5.38
C ALA A 23 -5.10 25.10 5.16
N ALA A 24 -5.99 26.03 4.82
CA ALA A 24 -5.58 27.38 4.47
C ALA A 24 -5.87 28.31 5.64
N SER A 25 -5.05 29.37 5.75
CA SER A 25 -5.29 30.39 6.74
C SER A 25 -4.62 31.67 6.27
N GLY A 26 -5.06 32.80 6.83
CA GLY A 26 -4.45 34.07 6.52
C GLY A 26 -5.02 34.82 5.34
N PHE A 27 -6.14 34.35 4.77
CA PHE A 27 -6.80 35.04 3.66
C PHE A 27 -8.24 34.56 3.62
N SER A 28 -9.07 35.27 2.86
CA SER A 28 -10.49 34.92 2.73
C SER A 28 -10.61 33.72 1.79
N PHE A 29 -10.61 32.54 2.37
CA PHE A 29 -10.57 31.30 1.60
C PHE A 29 -11.75 31.21 0.64
N SER A 30 -12.96 31.54 1.12
CA SER A 30 -14.16 31.39 0.30
C SER A 30 -14.21 32.34 -0.90
N SER A 31 -13.25 33.25 -1.03
CA SER A 31 -13.21 34.20 -2.14
C SER A 31 -12.30 33.76 -3.27
N TYR A 32 -11.59 32.64 -3.12
CA TYR A 32 -10.56 32.27 -4.08
C TYR A 32 -10.84 30.89 -4.66
N GLY A 33 -10.66 30.77 -5.97
CA GLY A 33 -10.43 29.46 -6.55
C GLY A 33 -9.16 28.85 -6.02
N MET A 34 -9.09 27.52 -6.07
CA MET A 34 -7.97 26.76 -5.54
C MET A 34 -7.57 25.70 -6.55
N SER A 35 -6.33 25.23 -6.44
CA SER A 35 -5.80 24.29 -7.41
C SER A 35 -4.87 23.27 -6.76
N TRP A 36 -4.69 22.15 -7.47
CA TRP A 36 -3.65 21.18 -7.17
C TRP A 36 -2.71 21.11 -8.36
N VAL A 37 -1.41 21.20 -8.10
CA VAL A 37 -0.38 21.07 -9.12
C VAL A 37 0.62 20.05 -8.60
N ARG A 38 1.10 19.18 -9.47
CA ARG A 38 2.04 18.17 -9.04
C ARG A 38 3.39 18.33 -9.75
N GLN A 39 4.44 17.92 -9.04
CA GLN A 39 5.80 17.93 -9.59
C GLN A 39 6.29 16.49 -9.62
N THR A 40 6.53 15.99 -10.83
CA THR A 40 6.92 14.60 -11.03
C THR A 40 8.40 14.42 -10.69
N PRO A 41 8.88 13.18 -10.57
CA PRO A 41 10.29 12.97 -10.20
C PRO A 41 11.29 13.62 -11.15
N ASP A 42 10.94 13.83 -12.41
CA ASP A 42 11.82 14.58 -13.31
C ASP A 42 11.67 16.08 -13.15
N LYS A 43 10.96 16.56 -12.12
CA LYS A 43 10.79 17.96 -11.76
C LYS A 43 9.89 18.74 -12.72
N ARG A 44 9.18 18.07 -13.62
CA ARG A 44 8.19 18.76 -14.43
C ARG A 44 6.97 19.09 -13.59
N LEU A 45 6.33 20.21 -13.91
CA LEU A 45 5.11 20.63 -13.23
C LEU A 45 3.90 20.27 -14.09
N GLU A 46 2.85 19.77 -13.45
CA GLU A 46 1.65 19.32 -14.14
C GLU A 46 0.43 19.75 -13.35
N TRP A 47 -0.45 20.51 -13.99
CA TRP A 47 -1.71 20.90 -13.37
C TRP A 47 -2.60 19.67 -13.21
N VAL A 48 -3.20 19.53 -12.03
CA VAL A 48 -3.95 18.35 -11.67
C VAL A 48 -5.45 18.66 -11.61
N ALA A 49 -5.83 19.76 -10.98
CA ALA A 49 -7.24 20.04 -10.78
C ALA A 49 -7.39 21.46 -10.28
N SER A 50 -8.54 22.07 -10.56
CA SER A 50 -8.88 23.39 -10.07
C SER A 50 -10.34 23.39 -9.64
N ILE A 51 -10.68 24.27 -8.71
CA ILE A 51 -12.04 24.38 -8.20
C ILE A 51 -12.39 25.84 -7.98
N SER A 52 -13.61 26.22 -8.34
CA SER A 52 -14.07 27.59 -8.15
C SER A 52 -14.25 27.87 -6.66
N SER A 53 -14.45 29.16 -6.34
CA SER A 53 -14.48 29.59 -4.94
C SER A 53 -15.56 28.87 -4.15
N GLY A 54 -16.75 28.74 -4.72
CA GLY A 54 -17.88 28.08 -4.09
C GLY A 54 -18.01 26.60 -4.35
N GLY A 55 -17.14 26.03 -5.19
CA GLY A 55 -17.20 24.60 -5.46
C GLY A 55 -18.10 24.15 -6.59
N ARG A 56 -18.78 25.07 -7.31
CA ARG A 56 -19.66 24.65 -8.40
C ARG A 56 -18.92 24.11 -9.60
N HIS A 57 -17.79 24.72 -9.94
CA HIS A 57 -17.03 24.31 -11.10
C HIS A 57 -15.72 23.64 -10.68
N THR A 58 -15.50 22.45 -11.21
CA THR A 58 -14.25 21.72 -11.03
C THR A 58 -13.66 21.44 -12.40
N TYR A 59 -12.33 21.50 -12.48
CA TYR A 59 -11.64 21.39 -13.76
C TYR A 59 -10.51 20.38 -13.64
N TYR A 60 -10.36 19.56 -14.66
CA TYR A 60 -9.37 18.49 -14.67
C TYR A 60 -8.77 18.36 -16.05
N PRO A 61 -7.50 18.02 -16.16
CA PRO A 61 -6.95 17.56 -17.43
C PRO A 61 -7.41 16.14 -17.71
N ASP A 62 -7.33 15.74 -18.99
CA ASP A 62 -7.82 14.43 -19.38
C ASP A 62 -7.08 13.30 -18.67
N SER A 63 -5.83 13.52 -18.27
CA SER A 63 -5.03 12.46 -17.66
C SER A 63 -5.59 12.00 -16.31
N VAL A 64 -6.34 12.87 -15.62
CA VAL A 64 -6.87 12.53 -14.30
C VAL A 64 -8.38 12.46 -14.27
N LYS A 65 -9.07 12.83 -15.36
CA LYS A 65 -10.51 12.90 -15.35
C LYS A 65 -11.11 11.53 -15.02
N GLY A 66 -12.11 11.53 -14.13
CA GLY A 66 -12.73 10.30 -13.69
C GLY A 66 -12.00 9.59 -12.58
N ARG A 67 -10.76 9.95 -12.30
CA ARG A 67 -9.99 9.33 -11.21
C ARG A 67 -9.83 10.24 -10.01
N PHE A 68 -9.59 11.53 -10.21
CA PHE A 68 -9.37 12.46 -9.12
C PHE A 68 -10.59 13.36 -8.93
N THR A 69 -10.84 13.75 -7.69
CA THR A 69 -11.92 14.68 -7.36
C THR A 69 -11.39 15.76 -6.44
N ILE A 70 -11.54 17.01 -6.84
CA ILE A 70 -11.17 18.16 -6.01
C ILE A 70 -12.43 18.66 -5.30
N SER A 71 -12.30 18.92 -4.00
CA SER A 71 -13.42 19.43 -3.20
C SER A 71 -12.86 20.40 -2.16
N ARG A 72 -13.77 21.13 -1.52
CA ARG A 72 -13.38 22.17 -0.58
C ARG A 72 -14.43 22.31 0.51
N ASP A 73 -13.97 22.66 1.71
CA ASP A 73 -14.80 22.90 2.89
C ASP A 73 -14.56 24.36 3.27
N ASN A 74 -15.49 25.24 2.89
CA ASN A 74 -15.31 26.66 3.13
C ASN A 74 -15.55 27.06 4.59
N ALA A 75 -16.21 26.21 5.37
CA ALA A 75 -16.28 26.45 6.82
C ALA A 75 -14.95 26.12 7.48
N LYS A 76 -14.32 25.02 7.07
CA LYS A 76 -13.04 24.61 7.66
C LYS A 76 -11.85 25.25 6.96
N ASN A 77 -12.07 25.98 5.87
CA ASN A 77 -10.99 26.56 5.07
C ASN A 77 -9.99 25.48 4.66
N THR A 78 -10.52 24.39 4.11
CA THR A 78 -9.73 23.22 3.74
C THR A 78 -10.03 22.80 2.30
N LEU A 79 -8.98 22.47 1.57
CA LEU A 79 -9.06 21.96 0.20
C LEU A 79 -8.67 20.49 0.18
N TYR A 80 -9.36 19.70 -0.65
CA TYR A 80 -9.12 18.26 -0.71
C TYR A 80 -8.83 17.80 -2.12
N LEU A 81 -8.10 16.69 -2.22
CA LEU A 81 -7.91 15.99 -3.49
C LEU A 81 -8.10 14.50 -3.21
N GLN A 82 -9.25 13.96 -3.64
CA GLN A 82 -9.48 12.53 -3.56
C GLN A 82 -8.89 11.88 -4.79
N MET A 83 -7.93 10.98 -4.59
CA MET A 83 -7.27 10.28 -5.68
C MET A 83 -7.71 8.81 -5.67
N SER A 84 -7.96 8.25 -6.85
CA SER A 84 -8.36 6.86 -6.94
C SER A 84 -7.80 6.26 -8.23
N SER A 85 -7.76 4.92 -8.27
CA SER A 85 -7.19 4.18 -9.38
C SER A 85 -5.80 4.71 -9.72
N LEU A 86 -4.98 4.86 -8.69
CA LEU A 86 -3.69 5.52 -8.84
C LEU A 86 -2.73 4.67 -9.66
N LYS A 87 -1.93 5.35 -10.49
CA LYS A 87 -0.95 4.71 -11.35
C LYS A 87 0.45 5.16 -10.95
N SER A 88 1.45 4.42 -11.43
CA SER A 88 2.84 4.81 -11.16
C SER A 88 3.14 6.20 -11.70
N GLU A 89 2.51 6.59 -12.80
CA GLU A 89 2.69 7.94 -13.34
C GLU A 89 2.17 9.02 -12.42
N ASP A 90 1.34 8.67 -11.44
CA ASP A 90 0.85 9.65 -10.47
C ASP A 90 1.83 9.94 -9.35
N THR A 91 2.94 9.22 -9.26
CA THR A 91 3.95 9.51 -8.25
C THR A 91 4.51 10.91 -8.46
N ALA A 92 4.39 11.76 -7.44
CA ALA A 92 4.78 13.16 -7.57
C ALA A 92 4.63 13.84 -6.22
N MET A 93 5.10 15.07 -6.15
CA MET A 93 4.83 15.95 -5.03
C MET A 93 3.64 16.83 -5.42
N TYR A 94 2.57 16.75 -4.64
CA TYR A 94 1.34 17.46 -4.94
C TYR A 94 1.30 18.75 -4.14
N PHE A 95 1.16 19.86 -4.84
CA PHE A 95 1.10 21.17 -4.23
C PHE A 95 -0.32 21.67 -4.27
N CYS A 96 -0.73 22.25 -3.16
CA CYS A 96 -1.96 23.00 -3.07
C CYS A 96 -1.60 24.45 -3.41
N ALA A 97 -2.42 25.09 -4.24
CA ALA A 97 -2.11 26.44 -4.69
C ALA A 97 -3.37 27.29 -4.68
N ARG A 98 -3.20 28.58 -4.36
CA ARG A 98 -4.28 29.53 -4.46
C ARG A 98 -4.45 30.01 -5.90
N GLN A 99 -5.71 30.30 -6.25
CA GLN A 99 -6.18 30.68 -7.59
C GLN A 99 -6.35 29.46 -8.48
N GLU A 100 -7.23 29.53 -9.48
CA GLU A 100 -7.42 28.41 -10.38
C GLU A 100 -6.25 28.23 -11.34
N GLY A 101 -5.75 29.34 -11.91
CA GLY A 101 -4.65 29.22 -12.85
C GLY A 101 -3.47 30.14 -12.59
N ASP A 102 -3.71 31.29 -11.97
CA ASP A 102 -2.63 32.26 -11.67
C ASP A 102 -2.23 32.13 -10.19
N TYR A 103 -1.60 30.98 -9.92
CA TYR A 103 -1.03 30.56 -8.64
C TYR A 103 -0.19 31.59 -7.90
N ASP A 104 -0.83 32.49 -7.14
CA ASP A 104 -0.09 33.47 -6.36
C ASP A 104 0.55 32.90 -5.10
N ASP A 105 0.01 31.82 -4.53
CA ASP A 105 0.59 31.22 -3.33
C ASP A 105 0.58 29.71 -3.42
N TRP A 106 1.61 29.07 -2.86
CA TRP A 106 1.81 27.63 -2.94
C TRP A 106 2.00 27.04 -1.56
N GLY A 107 1.46 25.82 -1.36
CA GLY A 107 1.71 25.07 -0.16
C GLY A 107 3.07 24.39 -0.17
N GLN A 108 3.39 23.73 0.95
CA GLN A 108 4.72 23.10 1.07
C GLN A 108 4.85 21.80 0.29
N GLY A 109 3.75 21.17 -0.10
CA GLY A 109 3.84 19.96 -0.90
C GLY A 109 3.66 18.67 -0.13
N THR A 110 3.02 17.69 -0.78
CA THR A 110 2.77 16.38 -0.20
C THR A 110 3.27 15.35 -1.21
N THR A 111 4.22 14.52 -0.79
CA THR A 111 4.76 13.52 -1.68
C THR A 111 3.83 12.30 -1.68
N VAL A 112 3.42 11.88 -2.88
CA VAL A 112 2.61 10.69 -3.04
C VAL A 112 3.44 9.71 -3.86
N THR A 113 3.65 8.51 -3.32
CA THR A 113 4.41 7.48 -4.01
C THR A 113 3.49 6.31 -4.28
N VAL A 114 3.31 5.98 -5.56
CA VAL A 114 2.48 4.86 -5.97
C VAL A 114 3.41 3.70 -6.27
N SER A 115 3.38 2.68 -5.41
CA SER A 115 4.18 1.47 -5.65
C SER A 115 3.68 0.36 -4.75
N SER A 116 4.09 -0.86 -5.10
CA SER A 116 3.70 -2.07 -4.36
C SER A 116 4.52 -2.29 -3.09
N ALA A 117 5.70 -1.68 -2.99
CA ALA A 117 6.60 -1.91 -1.86
C ALA A 117 5.98 -1.42 -0.55
N SER A 118 6.49 -1.93 0.56
CA SER A 118 6.00 -1.54 1.88
C SER A 118 6.77 -0.34 2.44
N THR A 119 6.15 0.31 3.43
CA THR A 119 6.78 1.42 4.12
C THR A 119 7.89 0.89 5.02
N LYS A 120 8.97 1.66 5.14
CA LYS A 120 10.01 1.36 6.11
C LYS A 120 10.48 2.66 6.75
N GLY A 121 10.53 2.69 8.07
CA GLY A 121 11.06 3.81 8.81
C GLY A 121 12.57 3.83 8.79
N PRO A 122 13.16 5.00 8.90
CA PRO A 122 14.63 5.11 8.85
C PRO A 122 15.29 4.81 10.18
N SER A 123 16.54 4.39 10.08
CA SER A 123 17.47 4.37 11.21
C SER A 123 18.31 5.64 11.14
N VAL A 124 18.53 6.28 12.29
CA VAL A 124 19.28 7.52 12.35
C VAL A 124 20.59 7.27 13.11
N PHE A 125 21.71 7.53 12.45
CA PHE A 125 23.02 7.29 13.04
C PHE A 125 23.83 8.57 13.11
N PRO A 126 24.64 8.74 14.15
CA PRO A 126 25.51 9.93 14.22
C PRO A 126 26.67 9.81 13.26
N LEU A 127 27.14 10.97 12.79
CA LEU A 127 28.35 11.07 12.00
C LEU A 127 29.33 11.96 12.75
N ALA A 128 30.46 11.39 13.15
CA ALA A 128 31.50 12.18 13.82
C ALA A 128 32.88 11.64 13.50
N PRO A 129 33.85 12.50 13.22
CA PRO A 129 35.20 12.02 12.89
C PRO A 129 35.89 11.34 14.07
N CYS A 130 36.89 10.51 13.74
CA CYS A 130 37.62 9.77 14.76
C CYS A 130 38.54 10.66 15.58
N SER A 131 39.09 11.72 14.98
CA SER A 131 40.02 12.58 15.68
C SER A 131 39.33 13.43 16.74
N SER A 135 42.29 20.58 8.34
CA SER A 135 42.74 21.47 9.39
C SER A 135 41.80 21.49 10.58
N GLU A 136 42.27 22.07 11.68
CA GLU A 136 41.48 22.23 12.90
C GLU A 136 40.61 23.47 12.88
N SER A 137 40.54 24.21 11.77
CA SER A 137 39.67 25.38 11.70
C SER A 137 38.20 24.98 11.76
N THR A 138 37.74 24.25 10.75
CA THR A 138 36.34 23.82 10.67
C THR A 138 36.21 22.39 11.19
N ALA A 139 35.09 22.12 11.86
CA ALA A 139 34.77 20.79 12.33
C ALA A 139 33.42 20.37 11.74
N ALA A 140 33.20 19.07 11.64
CA ALA A 140 32.00 18.55 11.00
C ALA A 140 31.33 17.50 11.87
N LEU A 141 30.01 17.60 11.97
CA LEU A 141 29.16 16.62 12.63
C LEU A 141 27.97 16.35 11.72
N GLY A 142 27.33 15.19 11.91
CA GLY A 142 26.23 14.88 11.02
C GLY A 142 25.32 13.78 11.50
N CYS A 143 24.32 13.50 10.68
CA CYS A 143 23.37 12.41 10.89
C CYS A 143 23.20 11.65 9.59
N LEU A 144 23.32 10.33 9.67
CA LEU A 144 23.02 9.45 8.54
C LEU A 144 21.62 8.88 8.74
N VAL A 145 20.75 9.12 7.76
CA VAL A 145 19.35 8.68 7.81
C VAL A 145 19.21 7.55 6.79
N LYS A 146 19.23 6.31 7.25
CA LYS A 146 19.46 5.16 6.38
C LYS A 146 18.23 4.26 6.27
N ASP A 147 17.95 3.79 5.05
CA ASP A 147 17.01 2.71 4.77
C ASP A 147 15.56 3.04 5.10
N TYR A 148 14.97 3.98 4.38
CA TYR A 148 13.57 4.31 4.52
C TYR A 148 12.86 4.26 3.18
N PHE A 149 11.53 4.15 3.22
CA PHE A 149 10.71 4.17 2.02
C PHE A 149 9.30 4.48 2.45
N PRO A 150 8.55 5.31 1.70
CA PRO A 150 9.04 6.03 0.53
C PRO A 150 9.70 7.34 0.96
N GLU A 151 10.02 8.20 -0.01
CA GLU A 151 10.42 9.56 0.31
C GLU A 151 9.20 10.33 0.81
N PRO A 152 9.40 11.43 1.56
CA PRO A 152 10.69 12.02 1.95
C PRO A 152 10.99 11.93 3.43
N VAL A 153 12.23 12.26 3.80
CA VAL A 153 12.53 12.65 5.17
C VAL A 153 12.93 14.12 5.14
N THR A 154 12.56 14.84 6.20
CA THR A 154 13.04 16.19 6.42
C THR A 154 13.99 16.18 7.60
N VAL A 155 15.01 17.03 7.52
CA VAL A 155 16.01 17.15 8.56
C VAL A 155 16.20 18.62 8.90
N SER A 156 16.19 18.93 10.19
CA SER A 156 16.61 20.24 10.67
C SER A 156 17.63 20.01 11.78
N TRP A 157 18.27 21.08 12.22
CA TRP A 157 19.26 21.04 13.29
C TRP A 157 18.86 22.00 14.41
N ASN A 158 18.93 21.53 15.65
CA ASN A 158 18.58 22.32 16.83
C ASN A 158 17.19 22.95 16.67
N SER A 159 16.25 22.13 16.23
CA SER A 159 14.84 22.53 16.06
C SER A 159 14.71 23.79 15.19
N GLY A 160 15.59 23.92 14.20
CA GLY A 160 15.55 25.04 13.28
C GLY A 160 16.36 26.25 13.69
N ALA A 161 17.03 26.20 14.84
CA ALA A 161 17.83 27.34 15.28
C ALA A 161 19.13 27.44 14.47
N LEU A 162 19.61 26.32 13.94
CA LEU A 162 20.87 26.27 13.22
C LEU A 162 20.57 26.11 11.73
N THR A 163 20.91 27.13 10.94
CA THR A 163 20.80 27.05 9.49
C THR A 163 22.11 27.33 8.77
N SER A 164 22.99 28.15 9.36
CA SER A 164 24.29 28.42 8.78
C SER A 164 25.19 27.20 8.94
N GLY A 165 25.83 26.80 7.85
CA GLY A 165 26.73 25.66 7.89
C GLY A 165 26.05 24.30 7.80
N VAL A 166 24.76 24.25 7.52
CA VAL A 166 24.02 22.99 7.41
C VAL A 166 24.00 22.57 5.95
N HIS A 167 24.32 21.31 5.69
CA HIS A 167 24.24 20.72 4.35
C HIS A 167 23.45 19.42 4.44
N THR A 168 22.23 19.43 3.91
CA THR A 168 21.38 18.24 3.84
C THR A 168 21.35 17.76 2.39
N PHE A 169 21.82 16.57 2.17
CA PHE A 169 22.01 16.09 0.82
C PHE A 169 20.75 15.45 0.26
N PRO A 170 20.58 15.50 -1.06
CA PRO A 170 19.50 14.72 -1.70
C PRO A 170 19.66 13.24 -1.39
N ALA A 171 18.53 12.57 -1.20
CA ALA A 171 18.53 11.14 -0.92
C ALA A 171 19.03 10.36 -2.13
N VAL A 172 19.68 9.24 -1.86
CA VAL A 172 20.09 8.29 -2.88
C VAL A 172 19.26 7.03 -2.74
N LEU A 173 18.99 6.39 -3.88
CA LEU A 173 18.28 5.12 -3.89
C LEU A 173 19.31 3.98 -3.85
N GLN A 174 19.27 3.19 -2.79
CA GLN A 174 20.19 2.08 -2.65
C GLN A 174 19.71 0.89 -3.49
N SER A 175 20.63 -0.05 -3.73
CA SER A 175 20.29 -1.23 -4.53
C SER A 175 19.15 -2.02 -3.90
N SER A 176 19.01 -1.95 -2.57
CA SER A 176 17.92 -2.62 -1.87
C SER A 176 16.55 -2.05 -2.19
N GLY A 177 16.46 -0.93 -2.90
CA GLY A 177 15.18 -0.27 -3.07
C GLY A 177 14.82 0.69 -1.97
N LEU A 178 15.67 0.87 -0.97
CA LEU A 178 15.46 1.81 0.13
C LEU A 178 16.28 3.07 -0.07
N TYR A 179 15.78 4.17 0.47
CA TYR A 179 16.48 5.44 0.37
C TYR A 179 17.40 5.65 1.57
N SER A 180 18.42 6.48 1.35
CA SER A 180 19.31 6.90 2.42
C SER A 180 19.73 8.34 2.15
N LEU A 181 19.97 9.07 3.23
CA LEU A 181 20.30 10.49 3.12
C LEU A 181 21.22 10.83 4.30
N SER A 182 22.02 11.87 4.13
CA SER A 182 22.87 12.37 5.20
C SER A 182 22.67 13.87 5.32
N SER A 183 22.85 14.38 6.54
CA SER A 183 22.83 15.81 6.82
C SER A 183 24.01 16.12 7.72
N VAL A 184 24.76 17.18 7.39
CA VAL A 184 25.97 17.50 8.13
C VAL A 184 25.98 18.98 8.49
N VAL A 185 26.67 19.29 9.58
CA VAL A 185 26.92 20.66 10.00
C VAL A 185 28.43 20.86 10.07
N THR A 186 28.89 21.97 9.48
CA THR A 186 30.29 22.34 9.51
C THR A 186 30.39 23.60 10.34
N VAL A 187 31.22 23.56 11.39
CA VAL A 187 31.33 24.65 12.35
C VAL A 187 32.79 24.89 12.66
N PRO A 188 33.12 26.11 13.08
CA PRO A 188 34.48 26.36 13.60
C PRO A 188 34.74 25.52 14.84
N SER A 189 35.99 25.04 14.97
CA SER A 189 36.32 24.09 16.03
C SER A 189 36.06 24.68 17.42
N SER A 190 36.22 25.99 17.57
CA SER A 190 35.97 26.61 18.88
C SER A 190 34.52 26.43 19.31
N SER A 191 33.61 26.33 18.34
CA SER A 191 32.20 26.12 18.67
C SER A 191 31.97 24.77 19.33
N LEU A 192 32.79 23.77 19.00
CA LEU A 192 32.59 22.42 19.54
C LEU A 192 32.62 22.40 21.07
N GLY A 193 33.37 23.32 21.66
CA GLY A 193 33.54 23.30 23.12
C GLY A 193 32.25 23.51 23.87
N THR A 194 31.44 24.49 23.44
CA THR A 194 30.31 24.95 24.25
C THR A 194 28.94 24.76 23.60
N LYS A 195 28.86 24.32 22.35
CA LYS A 195 27.58 24.16 21.68
C LYS A 195 27.26 22.67 21.53
N THR A 196 25.98 22.36 21.46
CA THR A 196 25.53 21.00 21.18
C THR A 196 24.80 21.01 19.85
N TYR A 197 24.84 19.87 19.14
CA TYR A 197 24.26 19.78 17.81
C TYR A 197 23.35 18.56 17.74
N THR A 198 22.07 18.81 17.44
CA THR A 198 21.03 17.80 17.42
C THR A 198 20.30 17.85 16.08
N CYS A 199 20.23 16.71 15.40
CA CYS A 199 19.51 16.64 14.14
C CYS A 199 18.09 16.14 14.39
N ASN A 200 17.12 16.80 13.77
CA ASN A 200 15.71 16.46 13.94
C ASN A 200 15.25 15.82 12.63
N VAL A 201 14.87 14.56 12.71
CA VAL A 201 14.54 13.78 11.53
C VAL A 201 13.06 13.45 11.57
N ASP A 202 12.37 13.63 10.44
CA ASP A 202 10.94 13.35 10.35
C ASP A 202 10.69 12.56 9.08
N HIS A 203 10.05 11.39 9.24
CA HIS A 203 9.61 10.56 8.12
C HIS A 203 8.11 10.33 8.32
N LYS A 204 7.31 11.25 7.81
CA LYS A 204 5.86 11.17 8.00
C LYS A 204 5.23 9.90 7.46
N PRO A 205 5.63 9.37 6.29
CA PRO A 205 4.99 8.12 5.81
C PRO A 205 5.03 6.97 6.80
N SER A 206 6.00 6.92 7.71
CA SER A 206 6.05 5.90 8.74
C SER A 206 5.84 6.45 10.14
N ASN A 207 5.43 7.72 10.26
CA ASN A 207 5.20 8.36 11.56
C ASN A 207 6.42 8.27 12.47
N THR A 208 7.61 8.44 11.88
CA THR A 208 8.87 8.38 12.61
C THR A 208 9.38 9.81 12.83
N LYS A 209 9.55 10.19 14.10
CA LYS A 209 10.21 11.44 14.48
C LYS A 209 11.33 11.10 15.44
N VAL A 210 12.55 11.53 15.11
CA VAL A 210 13.74 11.22 15.90
C VAL A 210 14.56 12.50 16.04
N ASP A 211 14.96 12.81 17.26
CA ASP A 211 15.96 13.84 17.54
C ASP A 211 17.21 13.14 18.07
N LYS A 212 18.34 13.36 17.40
CA LYS A 212 19.60 12.72 17.74
C LYS A 212 20.64 13.79 18.02
N ARG A 213 21.14 13.81 19.26
CA ARG A 213 22.25 14.66 19.66
C ARG A 213 23.55 13.97 19.25
N VAL A 214 24.37 14.64 18.45
CA VAL A 214 25.58 14.04 17.89
C VAL A 214 26.77 14.52 18.69
N HIS A 215 27.54 13.59 19.23
CA HIS A 215 28.66 13.96 20.07
C HIS A 215 29.90 14.26 19.23
N HIS A 216 30.73 15.15 19.76
CA HIS A 216 31.87 15.69 19.04
C HIS A 216 32.97 14.67 18.80
N HIS A 217 33.01 13.59 19.57
CA HIS A 217 34.03 12.56 19.40
C HIS A 217 33.37 11.20 19.25
N HIS A 218 34.07 10.29 18.58
CA HIS A 218 33.61 8.91 18.44
C HIS A 218 33.94 8.12 19.70
N HIS A 219 33.05 7.19 20.06
CA HIS A 219 33.29 6.33 21.22
C HIS A 219 34.11 5.11 20.83
N ASP B 1 -3.28 20.91 -26.69
CA ASP B 1 -2.76 21.55 -25.50
C ASP B 1 -1.63 22.50 -25.86
N ILE B 2 -1.58 23.65 -25.18
CA ILE B 2 -0.52 24.62 -25.44
C ILE B 2 0.77 24.08 -24.86
N GLU B 3 1.77 23.87 -25.72
CA GLU B 3 3.08 23.41 -25.28
C GLU B 3 3.98 24.62 -25.04
N LEU B 4 4.69 24.61 -23.92
CA LEU B 4 5.64 25.65 -23.58
C LEU B 4 7.03 25.03 -23.56
N THR B 5 7.95 25.63 -24.32
CA THR B 5 9.32 25.14 -24.42
C THR B 5 10.26 26.23 -23.94
N GLN B 6 11.12 25.89 -22.98
CA GLN B 6 12.06 26.84 -22.42
C GLN B 6 13.47 26.59 -22.95
N SER B 7 14.24 27.67 -23.05
CA SER B 7 15.64 27.58 -23.47
C SER B 7 16.39 28.74 -22.82
N PRO B 8 17.58 28.49 -22.27
CA PRO B 8 18.17 27.15 -22.20
C PRO B 8 17.58 26.31 -21.06
N LEU B 9 17.86 25.00 -21.07
CA LEU B 9 17.41 24.15 -19.97
C LEU B 9 18.33 24.28 -18.76
N THR B 10 19.59 24.62 -18.98
CA THR B 10 20.52 24.90 -17.89
C THR B 10 21.20 26.22 -18.18
N LEU B 11 21.22 27.10 -17.19
CA LEU B 11 21.72 28.46 -17.35
C LEU B 11 22.82 28.71 -16.34
N SER B 12 24.03 28.94 -16.83
CA SER B 12 25.19 29.22 -15.99
C SER B 12 25.60 30.66 -16.23
N VAL B 13 25.60 31.45 -15.17
CA VAL B 13 25.83 32.89 -15.25
C VAL B 13 26.86 33.26 -14.19
N ILE B 14 27.85 34.08 -14.58
CA ILE B 14 28.75 34.66 -13.59
C ILE B 14 28.00 35.72 -12.81
N ILE B 15 28.25 35.76 -11.50
CA ILE B 15 27.51 36.70 -10.64
C ILE B 15 27.70 38.12 -11.14
N GLY B 16 26.60 38.87 -11.18
CA GLY B 16 26.60 40.23 -11.65
C GLY B 16 26.29 40.41 -13.11
N GLN B 17 26.38 39.33 -13.93
CA GLN B 17 26.08 39.39 -15.34
C GLN B 17 24.58 39.19 -15.59
N PRO B 18 24.07 39.73 -16.70
CA PRO B 18 22.67 39.49 -17.03
C PRO B 18 22.44 38.06 -17.48
N ALA B 19 21.19 37.63 -17.35
CA ALA B 19 20.75 36.33 -17.80
C ALA B 19 19.37 36.49 -18.41
N SER B 20 19.06 35.63 -19.38
CA SER B 20 17.80 35.69 -20.10
C SER B 20 17.26 34.27 -20.26
N ILE B 21 15.98 34.09 -19.96
CA ILE B 21 15.32 32.79 -20.10
C ILE B 21 14.19 32.93 -21.10
N SER B 22 14.15 32.03 -22.07
CA SER B 22 13.16 32.07 -23.14
C SER B 22 12.08 31.02 -22.88
N CYS B 23 10.83 31.39 -23.18
CA CYS B 23 9.68 30.51 -23.08
C CYS B 23 8.88 30.67 -24.36
N LYS B 24 8.75 29.58 -25.12
CA LYS B 24 8.09 29.60 -26.42
C LYS B 24 6.84 28.73 -26.37
N SER B 25 5.71 29.30 -26.80
CA SER B 25 4.42 28.61 -26.78
C SER B 25 4.05 28.10 -28.17
N SER B 26 3.45 26.90 -28.20
CA SER B 26 3.03 26.32 -29.47
C SER B 26 1.95 27.15 -30.14
N GLN B 27 1.09 27.77 -29.34
CA GLN B 27 0.07 28.68 -29.85
C GLN B 27 0.22 30.01 -29.12
N SER B 28 -0.34 31.05 -29.70
CA SER B 28 -0.31 32.35 -29.03
C SER B 28 -1.16 32.29 -27.76
N LEU B 29 -0.82 33.16 -26.83
CA LEU B 29 -1.49 33.06 -25.52
C LEU B 29 -2.13 34.41 -25.20
N LEU B 30 -2.64 35.10 -26.19
CA LEU B 30 -3.41 36.33 -25.89
C LEU B 30 -4.87 35.89 -26.03
N TYR B 31 -5.63 35.90 -24.95
CA TYR B 31 -7.03 35.45 -24.96
C TYR B 31 -7.87 36.61 -25.43
N SER B 32 -9.01 36.77 -24.79
CA SER B 32 -9.81 37.98 -25.01
C SER B 32 -9.60 38.70 -23.69
N ASP B 33 -10.44 39.63 -23.30
CA ASP B 33 -10.14 40.45 -22.11
C ASP B 33 -8.88 41.25 -22.42
N GLY B 34 -8.25 41.01 -23.57
CA GLY B 34 -6.96 41.68 -23.83
C GLY B 34 -6.08 41.53 -22.60
N THR B 35 -5.81 40.27 -22.19
CA THR B 35 -4.90 40.05 -21.02
C THR B 35 -3.87 38.95 -21.29
N THR B 36 -2.73 39.01 -20.56
CA THR B 36 -1.60 38.08 -20.78
C THR B 36 -1.74 36.66 -20.24
N TYR B 37 -1.66 36.48 -18.93
CA TYR B 37 -1.69 35.17 -18.28
C TYR B 37 -0.57 34.23 -18.75
N LEU B 38 0.66 34.75 -18.88
CA LEU B 38 1.85 33.92 -18.90
C LEU B 38 2.62 34.27 -17.64
N ASN B 39 2.95 33.27 -16.84
CA ASN B 39 3.53 33.54 -15.54
C ASN B 39 4.91 32.90 -15.42
N TRP B 40 5.68 33.37 -14.44
CA TRP B 40 6.99 32.84 -14.16
C TRP B 40 7.10 32.47 -12.69
N LEU B 41 7.57 31.25 -12.44
CA LEU B 41 7.83 30.74 -11.11
C LEU B 41 9.32 30.56 -10.89
N LEU B 42 9.74 30.73 -9.64
CA LEU B 42 11.06 30.30 -9.18
C LEU B 42 10.86 29.28 -8.09
N GLN B 43 11.56 28.16 -8.20
CA GLN B 43 11.58 27.16 -7.14
C GLN B 43 13.02 27.06 -6.63
N ARG B 44 13.27 27.64 -5.46
CA ARG B 44 14.56 27.48 -4.82
C ARG B 44 14.67 26.08 -4.22
N PRO B 45 15.88 25.55 -4.09
CA PRO B 45 16.04 24.15 -3.67
C PRO B 45 15.37 23.87 -2.34
N GLY B 46 14.59 22.79 -2.29
CA GLY B 46 13.90 22.38 -1.08
C GLY B 46 12.80 23.33 -0.62
N GLN B 47 12.26 24.15 -1.52
CA GLN B 47 11.24 25.11 -1.16
C GLN B 47 10.05 25.00 -2.10
N SER B 48 8.95 25.59 -1.66
CA SER B 48 7.77 25.66 -2.50
C SER B 48 7.99 26.68 -3.61
N PRO B 49 7.38 26.47 -4.77
CA PRO B 49 7.45 27.49 -5.82
C PRO B 49 6.93 28.82 -5.33
N LYS B 50 7.52 29.89 -5.85
CA LYS B 50 7.09 31.24 -5.53
C LYS B 50 6.94 32.00 -6.84
N ARG B 51 5.79 32.65 -7.00
CA ARG B 51 5.55 33.40 -8.22
C ARG B 51 6.36 34.69 -8.20
N LEU B 52 7.06 34.95 -9.30
CA LEU B 52 7.84 36.17 -9.45
C LEU B 52 7.11 37.18 -10.32
N ILE B 53 6.60 36.71 -11.45
CA ILE B 53 5.90 37.51 -12.44
C ILE B 53 4.70 36.68 -12.87
N TYR B 54 3.51 37.26 -12.81
CA TYR B 54 2.28 36.54 -13.13
C TYR B 54 1.73 36.86 -14.51
N LEU B 55 1.84 38.09 -14.96
CA LEU B 55 1.53 38.38 -16.34
C LEU B 55 2.85 38.38 -17.11
N VAL B 56 2.88 38.94 -18.32
CA VAL B 56 4.15 39.03 -19.03
C VAL B 56 5.12 39.92 -18.25
N SER B 57 4.68 41.13 -17.88
CA SER B 57 5.58 42.14 -17.35
C SER B 57 5.27 42.59 -15.93
N LYS B 58 4.25 42.02 -15.28
CA LYS B 58 3.87 42.45 -13.94
C LYS B 58 4.70 41.68 -12.91
N VAL B 59 5.55 42.39 -12.19
CA VAL B 59 6.44 41.79 -11.21
C VAL B 59 5.72 41.74 -9.87
N ASP B 60 5.77 40.58 -9.21
CA ASP B 60 5.15 40.44 -7.91
C ASP B 60 5.83 41.34 -6.89
N SER B 61 5.05 41.84 -5.94
CA SER B 61 5.59 42.69 -4.89
C SER B 61 6.66 41.95 -4.09
N GLY B 62 7.73 42.66 -3.75
CA GLY B 62 8.85 42.09 -3.04
C GLY B 62 9.95 41.50 -3.91
N VAL B 63 9.76 41.46 -5.22
CA VAL B 63 10.76 40.95 -6.15
C VAL B 63 11.57 42.13 -6.69
N PRO B 64 12.90 42.09 -6.65
CA PRO B 64 13.70 43.24 -7.08
C PRO B 64 13.50 43.59 -8.54
N ASP B 65 13.76 44.87 -8.86
CA ASP B 65 13.60 45.36 -10.22
C ASP B 65 14.54 44.69 -11.22
N ARG B 66 15.51 43.91 -10.74
CA ARG B 66 16.38 43.17 -11.65
C ARG B 66 15.59 42.18 -12.51
N PHE B 67 14.47 41.67 -11.99
CA PHE B 67 13.61 40.78 -12.74
C PHE B 67 12.61 41.59 -13.57
N THR B 68 12.60 41.33 -14.88
CA THR B 68 11.63 41.94 -15.77
C THR B 68 11.13 40.88 -16.73
N GLY B 69 9.86 40.94 -17.06
CA GLY B 69 9.24 40.03 -18.02
C GLY B 69 8.84 40.80 -19.26
N SER B 70 8.96 40.16 -20.41
CA SER B 70 8.65 40.80 -21.68
C SER B 70 8.18 39.74 -22.68
N GLY B 71 7.75 40.22 -23.84
CA GLY B 71 7.32 39.38 -24.93
C GLY B 71 5.84 39.49 -25.19
N SER B 72 5.45 38.97 -26.36
CA SER B 72 4.06 38.82 -26.75
C SER B 72 4.02 37.87 -27.94
N GLY B 73 2.85 37.30 -28.17
CA GLY B 73 2.69 36.32 -29.23
C GLY B 73 3.16 34.94 -28.82
N THR B 74 4.15 34.38 -29.51
CA THR B 74 4.59 33.03 -29.21
C THR B 74 5.85 32.97 -28.35
N ASP B 75 6.67 34.01 -28.34
CA ASP B 75 7.95 33.99 -27.64
C ASP B 75 7.91 34.94 -26.45
N PHE B 76 8.38 34.46 -25.30
CA PHE B 76 8.41 35.24 -24.08
C PHE B 76 9.80 35.14 -23.46
N THR B 77 10.15 36.14 -22.67
CA THR B 77 11.48 36.24 -22.10
C THR B 77 11.42 36.76 -20.67
N LEU B 78 12.18 36.13 -19.80
CA LEU B 78 12.45 36.63 -18.46
C LEU B 78 13.90 37.10 -18.40
N LYS B 79 14.13 38.32 -17.94
CA LYS B 79 15.45 38.90 -17.90
C LYS B 79 15.81 39.27 -16.47
N ILE B 80 17.05 38.96 -16.08
CA ILE B 80 17.64 39.43 -14.84
C ILE B 80 18.81 40.32 -15.20
N SER B 81 18.72 41.61 -14.86
CA SER B 81 19.76 42.55 -15.27
C SER B 81 21.11 42.19 -14.63
N ARG B 82 21.11 41.97 -13.32
CA ARG B 82 22.28 41.51 -12.59
C ARG B 82 21.89 40.29 -11.78
N VAL B 83 22.60 39.18 -12.01
CA VAL B 83 22.29 37.94 -11.30
C VAL B 83 22.94 37.98 -9.92
N GLU B 84 22.13 37.94 -8.88
CA GLU B 84 22.56 37.94 -7.49
C GLU B 84 22.41 36.55 -6.89
N ALA B 85 22.79 36.43 -5.61
CA ALA B 85 22.82 35.14 -4.93
C ALA B 85 21.44 34.52 -4.82
N GLU B 86 20.41 35.32 -4.52
CA GLU B 86 19.08 34.81 -4.27
C GLU B 86 18.36 34.34 -5.53
N ASP B 87 18.96 34.53 -6.71
CA ASP B 87 18.29 34.20 -7.96
C ASP B 87 18.48 32.75 -8.39
N LEU B 88 19.31 31.98 -7.69
CA LEU B 88 19.55 30.60 -8.08
C LEU B 88 18.35 29.72 -7.74
N GLY B 89 18.11 28.72 -8.58
CA GLY B 89 16.96 27.86 -8.51
C GLY B 89 16.49 27.49 -9.89
N VAL B 90 15.30 26.91 -9.96
CA VAL B 90 14.70 26.49 -11.23
C VAL B 90 13.56 27.43 -11.57
N TYR B 91 13.59 28.01 -12.77
CA TYR B 91 12.57 28.93 -13.25
C TYR B 91 11.62 28.19 -14.18
N TYR B 92 10.33 28.39 -13.96
CA TYR B 92 9.28 27.81 -14.80
C TYR B 92 8.38 28.91 -15.33
N CYS B 93 8.02 28.79 -16.61
CA CYS B 93 6.97 29.60 -17.18
C CYS B 93 5.72 28.73 -17.28
N TRP B 94 4.56 29.38 -17.17
CA TRP B 94 3.32 28.63 -17.35
C TRP B 94 2.20 29.57 -17.78
N GLN B 95 1.19 28.99 -18.40
CA GLN B 95 0.00 29.71 -18.82
C GLN B 95 -1.19 29.19 -18.02
N GLY B 96 -1.96 30.10 -17.42
CA GLY B 96 -3.14 29.73 -16.67
C GLY B 96 -4.45 30.17 -17.31
N THR B 97 -4.43 30.46 -18.61
CA THR B 97 -5.63 30.94 -19.28
C THR B 97 -6.54 29.80 -19.71
N HIS B 98 -6.00 28.87 -20.50
CA HIS B 98 -6.77 27.88 -21.22
C HIS B 98 -6.50 26.49 -20.65
N PHE B 99 -7.53 25.72 -20.57
CA PHE B 99 -7.42 24.35 -20.14
C PHE B 99 -6.82 23.48 -21.25
N PRO B 100 -5.93 22.54 -20.91
CA PRO B 100 -5.37 22.42 -19.57
C PRO B 100 -4.29 23.46 -19.31
N PHE B 101 -4.13 23.89 -18.06
CA PHE B 101 -3.03 24.78 -17.72
C PHE B 101 -1.71 24.02 -17.89
N THR B 102 -0.71 24.69 -18.47
CA THR B 102 0.52 24.04 -18.87
C THR B 102 1.74 24.82 -18.42
N PHE B 103 2.82 24.09 -18.12
CA PHE B 103 4.08 24.64 -17.64
C PHE B 103 5.18 24.34 -18.65
N GLY B 104 6.21 25.19 -18.66
CA GLY B 104 7.45 24.84 -19.31
C GLY B 104 8.21 23.79 -18.50
N SER B 105 9.23 23.20 -19.14
CA SER B 105 9.96 22.13 -18.48
C SER B 105 10.89 22.64 -17.37
N GLY B 106 11.19 23.93 -17.33
CA GLY B 106 12.03 24.48 -16.28
C GLY B 106 13.47 24.74 -16.70
N THR B 107 14.02 25.87 -16.25
CA THR B 107 15.38 26.30 -16.54
C THR B 107 16.15 26.44 -15.24
N LYS B 108 17.21 25.67 -15.08
CA LYS B 108 18.01 25.72 -13.87
C LYS B 108 19.09 26.78 -14.01
N LEU B 109 19.06 27.77 -13.13
CA LEU B 109 20.08 28.81 -13.09
C LEU B 109 21.12 28.47 -12.03
N GLU B 110 22.38 28.33 -12.45
CA GLU B 110 23.49 28.10 -11.56
C GLU B 110 24.49 29.25 -11.66
N LEU B 111 25.16 29.54 -10.55
CA LEU B 111 26.16 30.60 -10.48
C LEU B 111 27.55 30.10 -10.87
N LYS B 112 28.24 30.89 -11.67
CA LYS B 112 29.61 30.63 -12.10
C LYS B 112 30.57 31.54 -11.33
N ARG B 113 31.59 30.94 -10.73
CA ARG B 113 32.61 31.66 -9.96
C ARG B 113 33.86 31.91 -10.79
N ARG B 114 34.48 33.08 -10.61
CA ARG B 114 35.73 33.37 -11.31
C ARG B 114 36.92 32.61 -10.73
N THR B 115 36.90 32.33 -9.42
CA THR B 115 37.98 31.58 -8.79
C THR B 115 37.45 30.27 -8.23
N VAL B 116 38.33 29.28 -8.12
CA VAL B 116 37.96 27.99 -7.58
C VAL B 116 37.88 28.08 -6.06
N ALA B 117 37.17 27.13 -5.46
CA ALA B 117 37.13 26.96 -4.02
C ALA B 117 37.45 25.51 -3.71
N ALA B 118 38.44 25.29 -2.86
CA ALA B 118 38.85 23.93 -2.53
C ALA B 118 37.88 23.30 -1.55
N PRO B 119 37.66 21.99 -1.65
CA PRO B 119 36.83 21.31 -0.66
C PRO B 119 37.56 21.12 0.65
N SER B 120 36.86 21.33 1.75
CA SER B 120 37.26 20.80 3.04
C SER B 120 36.79 19.34 3.12
N VAL B 121 37.70 18.43 3.41
CA VAL B 121 37.41 17.00 3.32
C VAL B 121 37.37 16.40 4.73
N PHE B 122 36.29 15.67 5.04
CA PHE B 122 36.12 14.98 6.30
C PHE B 122 35.72 13.54 6.03
N ILE B 123 36.15 12.63 6.90
CA ILE B 123 35.72 11.24 6.84
C ILE B 123 35.10 10.86 8.17
N PHE B 124 34.01 10.11 8.12
CA PHE B 124 33.26 9.69 9.29
C PHE B 124 33.21 8.17 9.36
N PRO B 125 33.67 7.55 10.45
CA PRO B 125 33.57 6.10 10.58
C PRO B 125 32.15 5.68 10.88
N PRO B 126 31.83 4.41 10.75
CA PRO B 126 30.51 3.92 11.17
C PRO B 126 30.34 4.05 12.67
N SER B 127 29.11 4.35 13.09
CA SER B 127 28.78 4.47 14.50
C SER B 127 28.70 3.09 15.14
N ASP B 128 28.94 3.03 16.45
CA ASP B 128 28.75 1.78 17.16
C ASP B 128 27.32 1.30 17.06
N GLU B 129 26.36 2.24 17.06
CA GLU B 129 24.96 1.87 16.94
C GLU B 129 24.70 1.15 15.61
N GLN B 130 25.29 1.63 14.52
CA GLN B 130 25.06 0.96 13.26
C GLN B 130 25.75 -0.40 13.21
N LEU B 131 26.97 -0.49 13.75
CA LEU B 131 27.71 -1.74 13.69
C LEU B 131 26.96 -2.87 14.41
N LYS B 132 26.19 -2.54 15.44
CA LYS B 132 25.41 -3.56 16.12
C LYS B 132 24.33 -4.16 15.23
N SER B 133 23.88 -3.42 14.21
CA SER B 133 22.82 -3.87 13.33
C SER B 133 23.31 -4.67 12.14
N GLY B 134 24.63 -4.85 12.00
CA GLY B 134 25.19 -5.66 10.94
C GLY B 134 25.62 -4.93 9.68
N THR B 135 25.62 -3.60 9.68
CA THR B 135 26.06 -2.82 8.52
C THR B 135 27.04 -1.74 9.00
N ALA B 136 27.95 -1.35 8.10
CA ALA B 136 28.89 -0.26 8.37
C ALA B 136 28.86 0.70 7.19
N SER B 137 28.47 1.95 7.44
CA SER B 137 28.50 3.00 6.42
C SER B 137 29.64 3.96 6.78
N VAL B 138 30.51 4.21 5.81
CA VAL B 138 31.60 5.17 5.94
C VAL B 138 31.27 6.35 5.03
N VAL B 139 31.37 7.55 5.57
CA VAL B 139 30.92 8.75 4.88
C VAL B 139 32.12 9.66 4.67
N CYS B 140 32.24 10.17 3.45
CA CYS B 140 33.25 11.16 3.09
C CYS B 140 32.52 12.43 2.69
N LEU B 141 32.89 13.55 3.30
CA LEU B 141 32.23 14.83 3.08
C LEU B 141 33.21 15.78 2.43
N LEU B 142 32.81 16.38 1.29
CA LEU B 142 33.55 17.44 0.62
C LEU B 142 32.72 18.70 0.75
N ASN B 143 33.20 19.68 1.50
CA ASN B 143 32.40 20.86 1.84
C ASN B 143 32.90 22.09 1.11
N ASN B 144 31.95 22.82 0.49
CA ASN B 144 32.14 24.16 -0.06
C ASN B 144 33.27 24.19 -1.08
N PHE B 145 32.98 23.64 -2.26
CA PHE B 145 33.96 23.63 -3.33
C PHE B 145 33.34 24.15 -4.61
N TYR B 146 34.22 24.52 -5.55
CA TYR B 146 33.83 24.99 -6.88
C TYR B 146 35.05 24.82 -7.77
N PRO B 147 34.90 24.29 -8.99
CA PRO B 147 33.67 23.83 -9.68
C PRO B 147 33.04 22.55 -9.13
N ARG B 148 31.89 22.18 -9.69
CA ARG B 148 31.17 21.02 -9.21
C ARG B 148 31.94 19.72 -9.44
N GLU B 149 32.70 19.65 -10.53
CA GLU B 149 33.49 18.47 -10.87
C GLU B 149 34.46 18.12 -9.74
N ALA B 150 34.33 16.91 -9.21
CA ALA B 150 35.24 16.41 -8.18
C ALA B 150 35.29 14.90 -8.30
N LYS B 151 36.43 14.32 -7.96
CA LYS B 151 36.61 12.89 -8.03
C LYS B 151 36.85 12.38 -6.61
N VAL B 152 36.03 11.42 -6.19
CA VAL B 152 36.16 10.81 -4.87
C VAL B 152 36.46 9.34 -5.09
N GLN B 153 37.54 8.87 -4.48
CA GLN B 153 37.97 7.48 -4.60
C GLN B 153 38.08 6.91 -3.21
N TRP B 154 37.33 5.85 -2.94
CA TRP B 154 37.44 5.13 -1.68
C TRP B 154 38.54 4.09 -1.78
N LYS B 155 39.32 3.95 -0.71
CA LYS B 155 40.34 2.93 -0.61
C LYS B 155 40.19 2.24 0.73
N VAL B 156 40.23 0.92 0.70
CA VAL B 156 40.17 0.09 1.91
C VAL B 156 41.41 -0.79 1.89
N ASP B 157 42.33 -0.55 2.82
CA ASP B 157 43.63 -1.24 2.84
C ASP B 157 44.31 -1.14 1.47
N ASN B 158 44.28 0.05 0.89
CA ASN B 158 44.89 0.39 -0.41
C ASN B 158 44.20 -0.27 -1.60
N ALA B 159 43.04 -0.88 -1.40
CA ALA B 159 42.28 -1.43 -2.51
C ALA B 159 41.28 -0.39 -2.98
N LEU B 160 41.29 -0.11 -4.28
CA LEU B 160 40.35 0.84 -4.84
C LEU B 160 38.95 0.22 -4.86
N GLN B 161 37.97 0.96 -4.35
CA GLN B 161 36.61 0.46 -4.25
C GLN B 161 35.80 0.90 -5.46
N SER B 162 34.90 0.02 -5.90
CA SER B 162 34.02 0.29 -7.01
C SER B 162 32.70 -0.40 -6.76
N GLY B 163 31.60 0.31 -7.04
CA GLY B 163 30.27 -0.25 -7.00
C GLY B 163 29.63 -0.34 -5.64
N ASN B 164 30.31 0.07 -4.57
CA ASN B 164 29.78 -0.05 -3.22
C ASN B 164 29.64 1.30 -2.53
N SER B 165 29.56 2.37 -3.30
CA SER B 165 29.40 3.70 -2.72
C SER B 165 28.45 4.51 -3.58
N GLN B 166 27.86 5.54 -2.98
CA GLN B 166 26.95 6.42 -3.68
C GLN B 166 27.22 7.86 -3.26
N GLU B 167 27.08 8.78 -4.21
CA GLU B 167 27.36 10.19 -4.00
C GLU B 167 26.08 11.00 -4.10
N SER B 168 26.01 12.06 -3.31
CA SER B 168 24.96 13.05 -3.42
C SER B 168 25.59 14.43 -3.35
N VAL B 169 25.09 15.36 -4.16
CA VAL B 169 25.62 16.72 -4.23
C VAL B 169 24.51 17.68 -3.88
N THR B 170 24.78 18.61 -2.97
CA THR B 170 23.78 19.62 -2.67
C THR B 170 23.66 20.59 -3.83
N GLU B 171 22.54 21.30 -3.87
CA GLU B 171 22.41 22.38 -4.82
C GLU B 171 23.36 23.51 -4.46
N GLN B 172 23.60 24.36 -5.43
CA GLN B 172 24.56 25.44 -5.24
C GLN B 172 24.14 26.33 -4.07
N ASP B 173 25.12 26.67 -3.24
CA ASP B 173 24.90 27.48 -2.06
C ASP B 173 24.65 28.93 -2.45
N SER B 174 23.64 29.54 -1.84
CA SER B 174 23.32 30.93 -2.16
C SER B 174 24.48 31.87 -1.82
N LYS B 175 25.15 31.65 -0.69
CA LYS B 175 26.08 32.65 -0.18
C LYS B 175 27.32 32.80 -1.05
N ASP B 176 27.99 31.69 -1.39
CA ASP B 176 29.28 31.76 -2.06
C ASP B 176 29.37 30.93 -3.35
N SER B 177 28.24 30.41 -3.83
CA SER B 177 28.16 29.66 -5.09
C SER B 177 28.94 28.35 -5.07
N THR B 178 29.18 27.77 -3.91
CA THR B 178 29.90 26.51 -3.81
C THR B 178 28.94 25.34 -3.68
N TYR B 179 29.47 24.16 -3.92
CA TYR B 179 28.75 22.91 -3.76
C TYR B 179 29.29 22.16 -2.56
N SER B 180 28.50 21.19 -2.09
CA SER B 180 28.98 20.21 -1.13
C SER B 180 28.59 18.84 -1.66
N LEU B 181 29.35 17.83 -1.27
CA LEU B 181 29.17 16.49 -1.79
C LEU B 181 29.35 15.49 -0.65
N SER B 182 28.53 14.44 -0.68
CA SER B 182 28.60 13.35 0.27
C SER B 182 28.77 12.04 -0.49
N SER B 183 29.72 11.22 -0.07
CA SER B 183 29.89 9.88 -0.63
C SER B 183 29.84 8.89 0.52
N THR B 184 29.00 7.86 0.38
CA THR B 184 28.80 6.86 1.42
C THR B 184 29.25 5.50 0.92
N LEU B 185 30.21 4.91 1.62
CA LEU B 185 30.67 3.56 1.35
C LEU B 185 29.95 2.62 2.32
N THR B 186 29.19 1.66 1.79
CA THR B 186 28.38 0.76 2.59
C THR B 186 28.95 -0.64 2.55
N LEU B 187 29.30 -1.18 3.73
CA LEU B 187 29.82 -2.53 3.87
C LEU B 187 29.04 -3.27 4.94
N SER B 188 29.14 -4.60 4.91
CA SER B 188 28.65 -5.37 6.05
C SER B 188 29.61 -5.19 7.23
N LYS B 189 29.08 -5.37 8.44
CA LYS B 189 29.94 -5.31 9.62
C LYS B 189 31.05 -6.35 9.55
N ALA B 190 30.73 -7.56 9.07
CA ALA B 190 31.75 -8.59 8.94
C ALA B 190 32.87 -8.13 8.03
N ASP B 191 32.52 -7.59 6.86
CA ASP B 191 33.52 -7.07 5.95
C ASP B 191 34.28 -5.89 6.57
N TYR B 192 33.56 -5.01 7.25
CA TYR B 192 34.20 -3.83 7.83
C TYR B 192 35.25 -4.23 8.87
N GLU B 193 34.96 -5.25 9.67
CA GLU B 193 35.89 -5.68 10.71
C GLU B 193 37.10 -6.41 10.13
N LYS B 194 37.05 -6.86 8.88
CA LYS B 194 38.19 -7.54 8.27
C LYS B 194 39.28 -6.59 7.78
N HIS B 195 39.05 -5.28 7.80
CA HIS B 195 40.04 -4.35 7.25
C HIS B 195 40.36 -3.26 8.26
N LYS B 196 41.47 -2.57 8.02
CA LYS B 196 42.00 -1.61 9.00
C LYS B 196 41.94 -0.16 8.53
N VAL B 197 42.46 0.14 7.34
CA VAL B 197 42.60 1.51 6.89
C VAL B 197 41.49 1.84 5.91
N TYR B 198 40.70 2.86 6.24
CA TYR B 198 39.63 3.36 5.41
C TYR B 198 39.99 4.78 5.01
N ALA B 199 39.98 5.05 3.71
CA ALA B 199 40.50 6.31 3.22
C ALA B 199 39.61 6.81 2.10
N CYS B 200 39.43 8.12 2.07
CA CYS B 200 38.74 8.80 0.99
C CYS B 200 39.76 9.73 0.33
N GLU B 201 39.97 9.56 -0.97
CA GLU B 201 40.92 10.38 -1.71
C GLU B 201 40.17 11.27 -2.69
N VAL B 202 40.43 12.56 -2.61
CA VAL B 202 39.68 13.58 -3.35
C VAL B 202 40.61 14.27 -4.32
N THR B 203 40.18 14.37 -5.58
CA THR B 203 40.84 15.17 -6.59
C THR B 203 39.92 16.31 -6.96
N HIS B 204 40.45 17.53 -6.97
CA HIS B 204 39.66 18.70 -7.29
C HIS B 204 40.60 19.82 -7.69
N GLN B 205 40.14 20.66 -8.62
CA GLN B 205 40.98 21.77 -9.11
C GLN B 205 41.43 22.68 -7.99
N GLY B 206 40.63 22.82 -6.93
CA GLY B 206 41.00 23.62 -5.78
C GLY B 206 42.10 23.03 -4.93
N LEU B 207 42.46 21.77 -5.14
CA LEU B 207 43.50 21.10 -4.39
C LEU B 207 44.78 21.06 -5.21
N SER B 208 45.91 21.43 -4.59
CA SER B 208 47.21 21.42 -5.27
C SER B 208 47.57 20.00 -5.70
N SER B 209 47.26 19.02 -4.87
CA SER B 209 47.46 17.61 -5.14
C SER B 209 46.31 16.87 -4.47
N PRO B 210 46.06 15.62 -4.86
CA PRO B 210 44.96 14.88 -4.22
C PRO B 210 45.17 14.76 -2.72
N VAL B 211 44.10 14.95 -1.98
CA VAL B 211 44.14 14.88 -0.52
C VAL B 211 43.44 13.60 -0.10
N THR B 212 44.05 12.90 0.86
CA THR B 212 43.50 11.67 1.40
C THR B 212 43.19 11.88 2.87
N LYS B 213 41.95 11.59 3.26
CA LYS B 213 41.54 11.54 4.65
C LYS B 213 41.28 10.08 5.03
N SER B 214 41.75 9.67 6.20
CA SER B 214 41.73 8.26 6.54
C SER B 214 41.58 8.07 8.03
N PHE B 215 41.16 6.87 8.41
CA PHE B 215 41.17 6.43 9.81
C PHE B 215 41.50 4.95 9.84
N ASN B 216 41.93 4.49 11.01
CA ASN B 216 42.18 3.08 11.26
C ASN B 216 41.08 2.55 12.17
N ARG B 217 40.42 1.46 11.74
CA ARG B 217 39.26 0.97 12.49
C ARG B 217 39.61 0.69 13.95
N GLY B 218 40.77 0.09 14.20
CA GLY B 218 41.14 -0.23 15.57
C GLY B 218 41.58 1.01 16.35
N GLU B 219 42.45 1.82 15.75
CA GLU B 219 43.12 2.92 16.43
C GLU B 219 42.21 4.09 16.77
N CYS B 220 40.95 4.08 16.32
CA CYS B 220 40.02 5.17 16.65
C CYS B 220 39.60 5.18 18.12
N GLN C 1 -9.48 -17.80 26.24
CA GLN C 1 -9.09 -16.39 26.28
C GLN C 1 -7.90 -16.13 25.36
N VAL C 2 -7.34 -17.21 24.82
CA VAL C 2 -6.19 -17.09 23.94
C VAL C 2 -6.56 -16.27 22.71
N GLN C 3 -5.69 -15.35 22.33
CA GLN C 3 -5.92 -14.41 21.24
C GLN C 3 -4.67 -14.32 20.39
N LEU C 4 -4.83 -14.48 19.07
CA LEU C 4 -3.75 -14.32 18.11
C LEU C 4 -4.26 -13.36 17.05
N GLN C 5 -3.92 -12.08 17.17
CA GLN C 5 -4.42 -11.04 16.28
C GLN C 5 -3.40 -10.80 15.18
N GLN C 6 -3.78 -11.10 13.94
CA GLN C 6 -2.87 -11.00 12.81
C GLN C 6 -3.07 -9.70 12.04
N SER C 7 -2.01 -9.28 11.35
CA SER C 7 -2.04 -8.12 10.48
C SER C 7 -0.91 -8.28 9.48
N GLY C 8 -1.02 -7.55 8.38
CA GLY C 8 -0.03 -7.65 7.33
C GLY C 8 -0.63 -7.32 5.98
N GLY C 9 0.27 -7.02 5.04
CA GLY C 9 -0.10 -6.67 3.69
C GLY C 9 -0.73 -7.83 2.94
N ASP C 10 -1.24 -7.51 1.75
CA ASP C 10 -2.01 -8.47 0.95
C ASP C 10 -1.40 -8.64 -0.44
N LEU C 11 -1.39 -7.63 -1.28
CA LEU C 11 -0.91 -7.81 -2.64
C LEU C 11 0.57 -7.45 -2.70
N VAL C 12 1.35 -8.35 -3.28
CA VAL C 12 2.80 -8.22 -3.41
C VAL C 12 3.16 -8.67 -4.82
N LYS C 13 4.11 -7.98 -5.44
CA LYS C 13 4.54 -8.43 -6.75
C LYS C 13 5.45 -9.66 -6.61
N PRO C 14 5.51 -10.50 -7.64
CA PRO C 14 6.48 -11.61 -7.60
C PRO C 14 7.89 -11.09 -7.39
N GLY C 15 8.65 -11.79 -6.56
CA GLY C 15 9.96 -11.33 -6.15
C GLY C 15 9.96 -10.31 -5.04
N GLY C 16 8.80 -9.73 -4.72
CA GLY C 16 8.70 -8.75 -3.65
C GLY C 16 8.78 -9.39 -2.28
N SER C 17 8.65 -8.53 -1.26
CA SER C 17 8.78 -8.98 0.12
C SER C 17 7.62 -8.43 0.96
N LEU C 18 7.32 -9.14 2.04
CA LEU C 18 6.18 -8.80 2.88
C LEU C 18 6.43 -9.36 4.27
N LYS C 19 6.03 -8.60 5.30
CA LYS C 19 6.19 -9.01 6.69
C LYS C 19 4.83 -9.10 7.37
N LEU C 20 4.51 -10.29 7.88
CA LEU C 20 3.28 -10.54 8.62
C LEU C 20 3.56 -10.45 10.11
N SER C 21 2.54 -10.07 10.87
CA SER C 21 2.65 -9.93 12.31
C SER C 21 1.51 -10.67 12.98
N CYS C 22 1.78 -11.15 14.20
CA CYS C 22 0.81 -11.90 14.98
C CYS C 22 0.99 -11.50 16.44
N ALA C 23 0.02 -10.78 17.01
CA ALA C 23 0.10 -10.29 18.39
C ALA C 23 -0.70 -11.23 19.30
N ALA C 24 -0.03 -11.76 20.32
CA ALA C 24 -0.61 -12.77 21.20
C ALA C 24 -0.99 -12.18 22.55
N SER C 25 -2.01 -12.78 23.17
CA SER C 25 -2.43 -12.45 24.53
C SER C 25 -3.23 -13.62 25.08
N GLY C 26 -3.33 -13.67 26.40
CA GLY C 26 -4.12 -14.69 27.06
C GLY C 26 -3.39 -15.97 27.37
N PHE C 27 -2.07 -16.01 27.19
CA PHE C 27 -1.25 -17.16 27.54
C PHE C 27 0.20 -16.69 27.65
N SER C 28 1.04 -17.54 28.24
CA SER C 28 2.45 -17.24 28.45
C SER C 28 3.18 -17.39 27.12
N PHE C 29 3.33 -16.26 26.40
CA PHE C 29 3.89 -16.31 25.05
C PHE C 29 5.30 -16.90 25.05
N SER C 30 6.14 -16.47 25.99
CA SER C 30 7.53 -16.91 26.05
C SER C 30 7.66 -18.40 26.37
N SER C 31 6.55 -19.06 26.70
CA SER C 31 6.58 -20.47 27.06
C SER C 31 6.23 -21.41 25.91
N TYR C 32 5.82 -20.89 24.76
CA TYR C 32 5.33 -21.72 23.67
C TYR C 32 6.13 -21.46 22.40
N GLY C 33 6.48 -22.54 21.71
CA GLY C 33 6.84 -22.42 20.32
C GLY C 33 5.67 -21.92 19.50
N MET C 34 5.98 -21.33 18.35
CA MET C 34 4.98 -20.76 17.48
C MET C 34 5.25 -21.18 16.04
N SER C 35 4.21 -21.11 15.21
CA SER C 35 4.27 -21.60 13.83
C SER C 35 3.45 -20.71 12.91
N TRP C 36 3.78 -20.79 11.63
CA TRP C 36 2.96 -20.24 10.55
C TRP C 36 2.50 -21.39 9.69
N VAL C 37 1.21 -21.43 9.39
CA VAL C 37 0.60 -22.42 8.50
C VAL C 37 -0.22 -21.65 7.47
N ARG C 38 -0.15 -22.07 6.23
CA ARG C 38 -0.88 -21.39 5.18
C ARG C 38 -1.91 -22.33 4.54
N GLN C 39 -3.00 -21.74 4.08
CA GLN C 39 -4.06 -22.45 3.39
C GLN C 39 -4.17 -21.92 1.97
N THR C 40 -3.91 -22.79 1.00
CA THR C 40 -3.92 -22.43 -0.41
C THR C 40 -5.36 -22.33 -0.91
N PRO C 41 -5.56 -21.76 -2.10
CA PRO C 41 -6.94 -21.62 -2.62
C PRO C 41 -7.71 -22.93 -2.74
N ASP C 42 -7.03 -24.05 -2.92
CA ASP C 42 -7.68 -25.36 -2.99
C ASP C 42 -8.01 -25.91 -1.60
N LYS C 43 -7.86 -25.09 -0.56
CA LYS C 43 -8.19 -25.38 0.84
C LYS C 43 -7.22 -26.36 1.50
N ARG C 44 -6.13 -26.70 0.83
CA ARG C 44 -5.10 -27.52 1.47
C ARG C 44 -4.28 -26.70 2.45
N LEU C 45 -3.87 -27.36 3.53
CA LEU C 45 -3.05 -26.75 4.57
C LEU C 45 -1.59 -27.15 4.39
N GLU C 46 -0.68 -26.19 4.59
CA GLU C 46 0.74 -26.42 4.40
C GLU C 46 1.53 -25.73 5.51
N TRP C 47 2.36 -26.49 6.22
CA TRP C 47 3.22 -25.89 7.23
C TRP C 47 4.30 -25.02 6.58
N VAL C 48 4.48 -23.82 7.14
CA VAL C 48 5.34 -22.80 6.55
C VAL C 48 6.62 -22.59 7.36
N ALA C 49 6.51 -22.53 8.68
CA ALA C 49 7.66 -22.22 9.52
C ALA C 49 7.29 -22.45 10.98
N SER C 50 8.30 -22.76 11.79
CA SER C 50 8.13 -22.92 13.23
C SER C 50 9.32 -22.30 13.96
N ILE C 51 9.08 -21.86 15.18
CA ILE C 51 10.11 -21.22 15.99
C ILE C 51 9.96 -21.67 17.44
N SER C 52 11.09 -21.91 18.09
CA SER C 52 11.10 -22.31 19.49
C SER C 52 10.69 -21.13 20.38
N SER C 53 10.42 -21.46 21.65
CA SER C 53 9.86 -20.49 22.59
C SER C 53 10.78 -19.28 22.76
N GLY C 54 12.09 -19.52 22.86
CA GLY C 54 13.07 -18.46 22.99
C GLY C 54 13.59 -17.91 21.69
N GLY C 55 13.17 -18.46 20.56
CA GLY C 55 13.60 -17.98 19.26
C GLY C 55 14.91 -18.56 18.77
N ARG C 56 15.51 -19.48 19.53
CA ARG C 56 16.83 -19.99 19.18
C ARG C 56 16.78 -20.95 17.99
N HIS C 57 15.73 -21.76 17.90
CA HIS C 57 15.61 -22.77 16.85
C HIS C 57 14.47 -22.39 15.90
N THR C 58 14.76 -22.36 14.60
CA THR C 58 13.78 -22.12 13.56
C THR C 58 13.80 -23.26 12.55
N TYR C 59 12.61 -23.64 12.07
CA TYR C 59 12.45 -24.78 11.17
C TYR C 59 11.57 -24.39 9.99
N TYR C 60 11.95 -24.86 8.79
CA TYR C 60 11.27 -24.51 7.56
C TYR C 60 11.19 -25.72 6.65
N PRO C 61 10.11 -25.85 5.87
CA PRO C 61 10.12 -26.82 4.78
C PRO C 61 10.96 -26.32 3.62
N ASP C 62 11.38 -27.27 2.78
CA ASP C 62 12.31 -26.96 1.69
C ASP C 62 11.71 -25.95 0.71
N SER C 63 10.39 -25.91 0.59
CA SER C 63 9.74 -25.03 -0.38
C SER C 63 9.94 -23.56 -0.05
N VAL C 64 10.17 -23.22 1.22
CA VAL C 64 10.35 -21.83 1.63
C VAL C 64 11.74 -21.55 2.19
N LYS C 65 12.57 -22.56 2.38
CA LYS C 65 13.85 -22.37 3.06
C LYS C 65 14.70 -21.37 2.28
N GLY C 66 15.28 -20.41 3.00
CA GLY C 66 16.05 -19.35 2.38
C GLY C 66 15.25 -18.18 1.86
N ARG C 67 13.93 -18.29 1.73
CA ARG C 67 13.08 -17.19 1.30
C ARG C 67 12.28 -16.57 2.44
N PHE C 68 11.81 -17.38 3.39
CA PHE C 68 11.02 -16.91 4.52
C PHE C 68 11.89 -16.94 5.77
N THR C 69 11.64 -16.01 6.69
CA THR C 69 12.29 -16.00 7.99
C THR C 69 11.23 -15.81 9.06
N ILE C 70 11.17 -16.71 10.01
CA ILE C 70 10.29 -16.60 11.16
C ILE C 70 11.08 -15.99 12.30
N SER C 71 10.48 -15.02 12.99
CA SER C 71 11.16 -14.35 14.09
C SER C 71 10.15 -14.08 15.20
N ARG C 72 10.67 -13.62 16.33
CA ARG C 72 9.85 -13.52 17.52
C ARG C 72 10.31 -12.36 18.39
N ASP C 73 9.36 -11.63 18.97
CA ASP C 73 9.65 -10.57 19.94
C ASP C 73 8.88 -10.92 21.21
N ASN C 74 9.58 -11.53 22.18
CA ASN C 74 8.91 -11.97 23.39
C ASN C 74 8.60 -10.83 24.34
N ALA C 75 9.22 -9.66 24.17
CA ALA C 75 8.84 -8.50 24.97
C ALA C 75 7.48 -7.95 24.52
N LYS C 76 7.25 -7.88 23.21
CA LYS C 76 5.99 -7.39 22.66
C LYS C 76 4.94 -8.49 22.49
N ASN C 77 5.28 -9.74 22.77
CA ASN C 77 4.39 -10.88 22.54
C ASN C 77 3.91 -10.92 21.09
N THR C 78 4.86 -10.78 20.16
CA THR C 78 4.55 -10.71 18.74
C THR C 78 5.36 -11.73 17.96
N LEU C 79 4.71 -12.38 17.00
CA LEU C 79 5.34 -13.33 16.09
C LEU C 79 5.39 -12.72 14.70
N TYR C 80 6.47 -12.99 13.97
CA TYR C 80 6.65 -12.39 12.66
C TYR C 80 6.94 -13.47 11.61
N LEU C 81 6.61 -13.14 10.36
CA LEU C 81 7.02 -13.93 9.22
C LEU C 81 7.51 -12.98 8.14
N GLN C 82 8.81 -12.91 7.95
CA GLN C 82 9.39 -12.12 6.87
C GLN C 82 9.43 -12.98 5.62
N MET C 83 8.72 -12.57 4.59
CA MET C 83 8.66 -13.28 3.32
C MET C 83 9.42 -12.48 2.27
N SER C 84 10.19 -13.17 1.44
CA SER C 84 10.96 -12.51 0.39
C SER C 84 11.03 -13.43 -0.81
N SER C 85 11.40 -12.86 -1.96
CA SER C 85 11.46 -13.59 -3.22
C SER C 85 10.14 -14.35 -3.46
N LEU C 86 9.04 -13.64 -3.27
CA LEU C 86 7.73 -14.28 -3.29
C LEU C 86 7.38 -14.77 -4.69
N LYS C 87 6.75 -15.94 -4.75
CA LYS C 87 6.30 -16.54 -5.99
C LYS C 87 4.78 -16.63 -5.95
N SER C 88 4.18 -16.82 -7.12
CA SER C 88 2.73 -16.99 -7.20
C SER C 88 2.25 -18.16 -6.36
N GLU C 89 3.06 -19.22 -6.24
CA GLU C 89 2.67 -20.37 -5.43
C GLU C 89 2.53 -20.02 -3.95
N ASP C 90 3.08 -18.88 -3.52
CA ASP C 90 2.94 -18.44 -2.13
C ASP C 90 1.59 -17.80 -1.85
N THR C 91 0.77 -17.57 -2.87
CA THR C 91 -0.57 -17.02 -2.66
C THR C 91 -1.38 -17.97 -1.79
N ALA C 92 -1.85 -17.46 -0.65
CA ALA C 92 -2.56 -18.29 0.33
C ALA C 92 -3.03 -17.38 1.45
N MET C 93 -3.83 -17.96 2.34
CA MET C 93 -4.14 -17.31 3.61
C MET C 93 -3.19 -17.87 4.66
N TYR C 94 -2.47 -16.96 5.32
CA TYR C 94 -1.44 -17.33 6.29
C TYR C 94 -1.98 -17.26 7.71
N PHE C 95 -1.85 -18.36 8.44
CA PHE C 95 -2.25 -18.46 9.84
C PHE C 95 -1.03 -18.58 10.75
N CYS C 96 -1.04 -17.83 11.85
CA CYS C 96 -0.11 -18.09 12.95
C CYS C 96 -0.80 -19.02 13.93
N ALA C 97 -0.05 -19.97 14.48
CA ALA C 97 -0.61 -20.96 15.39
C ALA C 97 0.33 -21.17 16.58
N ARG C 98 -0.26 -21.45 17.73
CA ARG C 98 0.49 -21.78 18.93
C ARG C 98 0.99 -23.21 18.85
N GLN C 99 2.16 -23.46 19.46
CA GLN C 99 2.89 -24.73 19.44
C GLN C 99 3.73 -24.79 18.17
N GLU C 100 4.87 -25.49 18.21
CA GLU C 100 5.65 -25.67 16.99
C GLU C 100 4.97 -26.67 16.06
N GLY C 101 4.43 -27.76 16.61
CA GLY C 101 3.85 -28.81 15.81
C GLY C 101 2.43 -29.23 16.11
N ASP C 102 1.93 -29.00 17.34
CA ASP C 102 0.60 -29.48 17.71
C ASP C 102 -0.51 -28.44 17.55
N TYR C 103 -0.20 -27.18 17.24
CA TYR C 103 -1.18 -26.14 16.91
C TYR C 103 -2.39 -26.10 17.86
N ASP C 104 -2.17 -25.51 19.03
CA ASP C 104 -3.22 -25.41 20.06
C ASP C 104 -4.26 -24.34 19.74
N ASP C 105 -3.84 -23.21 19.18
CA ASP C 105 -4.72 -22.09 18.87
C ASP C 105 -4.27 -21.44 17.58
N TRP C 106 -5.23 -20.88 16.84
CA TRP C 106 -4.99 -20.33 15.51
C TRP C 106 -5.46 -18.88 15.45
N GLY C 107 -4.73 -18.05 14.71
CA GLY C 107 -5.15 -16.69 14.45
C GLY C 107 -6.25 -16.62 13.40
N GLN C 108 -6.72 -15.40 13.15
CA GLN C 108 -7.84 -15.24 12.23
C GLN C 108 -7.42 -15.36 10.77
N GLY C 109 -6.14 -15.23 10.45
CA GLY C 109 -5.70 -15.40 9.09
C GLY C 109 -5.53 -14.09 8.35
N THR C 110 -4.54 -14.02 7.47
CA THR C 110 -4.30 -12.85 6.62
C THR C 110 -4.05 -13.33 5.20
N THR C 111 -4.74 -12.72 4.24
CA THR C 111 -4.60 -13.10 2.84
C THR C 111 -3.37 -12.44 2.23
N VAL C 112 -2.54 -13.24 1.56
CA VAL C 112 -1.39 -12.75 0.81
C VAL C 112 -1.59 -13.15 -0.64
N THR C 113 -1.55 -12.17 -1.54
CA THR C 113 -1.74 -12.45 -2.96
C THR C 113 -0.50 -11.97 -3.70
N VAL C 114 0.20 -12.91 -4.34
CA VAL C 114 1.40 -12.60 -5.09
C VAL C 114 1.01 -12.54 -6.57
N SER C 115 1.03 -11.34 -7.15
CA SER C 115 0.73 -11.20 -8.56
C SER C 115 1.23 -9.86 -9.07
N SER C 116 1.37 -9.77 -10.40
CA SER C 116 1.83 -8.55 -11.02
C SER C 116 0.74 -7.51 -11.16
N ALA C 117 -0.53 -7.93 -11.18
CA ALA C 117 -1.61 -6.98 -11.37
C ALA C 117 -1.71 -6.01 -10.19
N SER C 118 -2.31 -4.86 -10.46
CA SER C 118 -2.51 -3.86 -9.43
C SER C 118 -3.86 -4.09 -8.73
N THR C 119 -4.03 -3.44 -7.58
CA THR C 119 -5.29 -3.54 -6.87
C THR C 119 -6.39 -2.84 -7.65
N LYS C 120 -7.61 -3.33 -7.48
CA LYS C 120 -8.75 -2.61 -8.01
C LYS C 120 -9.85 -2.66 -6.97
N GLY C 121 -10.38 -1.50 -6.63
CA GLY C 121 -11.47 -1.43 -5.69
C GLY C 121 -12.74 -1.88 -6.35
N PRO C 122 -13.68 -2.41 -5.58
CA PRO C 122 -14.93 -2.89 -6.14
C PRO C 122 -15.89 -1.74 -6.40
N SER C 123 -16.79 -1.99 -7.33
CA SER C 123 -17.99 -1.18 -7.49
C SER C 123 -19.11 -1.88 -6.72
N VAL C 124 -19.87 -1.13 -5.96
CA VAL C 124 -20.92 -1.70 -5.12
C VAL C 124 -22.26 -1.23 -5.67
N PHE C 125 -23.10 -2.17 -6.08
CA PHE C 125 -24.39 -1.86 -6.69
C PHE C 125 -25.51 -2.49 -5.87
N PRO C 126 -26.65 -1.81 -5.77
CA PRO C 126 -27.78 -2.39 -5.04
C PRO C 126 -28.42 -3.52 -5.84
N LEU C 127 -28.98 -4.47 -5.10
CA LEU C 127 -29.80 -5.53 -5.67
C LEU C 127 -31.18 -5.39 -5.03
N ALA C 128 -32.18 -5.10 -5.86
CA ALA C 128 -33.53 -4.91 -5.36
C ALA C 128 -34.51 -5.42 -6.40
N PRO C 129 -35.59 -6.07 -5.98
CA PRO C 129 -36.52 -6.61 -6.98
C PRO C 129 -37.18 -5.49 -7.75
N CYS C 130 -37.50 -5.79 -9.00
CA CYS C 130 -38.17 -4.81 -9.84
C CYS C 130 -39.65 -4.72 -9.51
N SER C 131 -40.25 -5.82 -9.10
CA SER C 131 -41.68 -5.86 -8.78
C SER C 131 -41.95 -5.13 -7.47
N ARG C 132 -42.96 -4.28 -7.52
CA ARG C 132 -43.33 -3.62 -6.26
C ARG C 132 -43.67 -4.80 -5.36
N SER C 133 -43.88 -5.95 -6.01
CA SER C 133 -44.16 -7.18 -5.23
C SER C 133 -44.42 -8.46 -6.03
N THR C 134 -44.20 -9.64 -5.43
CA THR C 134 -44.76 -10.91 -5.97
C THR C 134 -46.07 -10.96 -5.22
N SER C 135 -46.13 -10.34 -4.02
CA SER C 135 -47.35 -10.23 -3.15
C SER C 135 -47.41 -11.35 -2.10
N GLU C 136 -46.26 -11.87 -1.69
CA GLU C 136 -46.34 -13.05 -0.79
C GLU C 136 -44.99 -13.49 -0.20
N SER C 137 -45.00 -13.79 1.11
CA SER C 137 -43.83 -14.44 1.77
C SER C 137 -42.56 -13.62 1.88
N THR C 138 -41.51 -14.16 1.28
CA THR C 138 -40.19 -13.56 1.52
C THR C 138 -39.81 -12.46 0.55
N ALA C 139 -39.06 -11.52 1.07
CA ALA C 139 -38.49 -10.48 0.24
C ALA C 139 -36.98 -10.63 0.32
N ALA C 140 -36.29 -10.19 -0.71
CA ALA C 140 -34.84 -10.24 -0.73
C ALA C 140 -34.26 -8.94 -1.27
N LEU C 141 -33.21 -8.48 -0.61
CA LEU C 141 -32.40 -7.34 -1.04
C LEU C 141 -30.95 -7.77 -0.99
N GLY C 142 -30.09 -7.03 -1.70
CA GLY C 142 -28.70 -7.41 -1.68
C GLY C 142 -27.79 -6.33 -2.19
N CYS C 143 -26.50 -6.66 -2.23
CA CYS C 143 -25.47 -5.82 -2.80
C CYS C 143 -24.60 -6.66 -3.71
N LEU C 144 -24.32 -6.14 -4.90
CA LEU C 144 -23.38 -6.76 -5.82
C LEU C 144 -22.03 -6.04 -5.66
N VAL C 145 -20.99 -6.78 -5.29
CA VAL C 145 -19.66 -6.24 -5.07
C VAL C 145 -18.81 -6.72 -6.25
N LYS C 146 -18.65 -5.85 -7.25
CA LYS C 146 -18.18 -6.27 -8.57
C LYS C 146 -16.79 -5.71 -8.87
N ASP C 147 -15.95 -6.56 -9.46
CA ASP C 147 -14.69 -6.19 -10.13
C ASP C 147 -13.67 -5.61 -9.14
N TYR C 148 -13.21 -6.46 -8.24
CA TYR C 148 -12.14 -6.07 -7.31
C TYR C 148 -10.99 -7.05 -7.38
N PHE C 149 -9.83 -6.61 -6.90
CA PHE C 149 -8.64 -7.44 -6.82
C PHE C 149 -7.68 -6.81 -5.83
N PRO C 150 -7.00 -7.60 -4.98
CA PRO C 150 -7.20 -9.03 -4.82
C PRO C 150 -8.30 -9.34 -3.81
N GLU C 151 -8.46 -10.60 -3.44
CA GLU C 151 -9.29 -10.92 -2.29
C GLU C 151 -8.56 -10.51 -1.02
N PRO C 152 -9.30 -10.22 0.07
CA PRO C 152 -10.75 -10.31 0.18
C PRO C 152 -11.42 -8.94 0.27
N VAL C 153 -12.74 -8.96 0.20
CA VAL C 153 -13.57 -7.87 0.69
C VAL C 153 -14.32 -8.40 1.90
N THR C 154 -14.62 -7.51 2.83
CA THR C 154 -15.52 -7.83 3.93
C THR C 154 -16.84 -7.10 3.70
N VAL C 155 -17.93 -7.78 4.02
CA VAL C 155 -19.27 -7.24 3.82
C VAL C 155 -20.07 -7.44 5.10
N SER C 156 -20.72 -6.38 5.57
CA SER C 156 -21.69 -6.47 6.64
C SER C 156 -22.97 -5.73 6.24
N TRP C 157 -24.01 -5.92 7.05
CA TRP C 157 -25.28 -5.25 6.84
C TRP C 157 -25.64 -4.49 8.11
N ASN C 158 -26.02 -3.22 7.94
CA ASN C 158 -26.40 -2.36 9.07
C ASN C 158 -25.29 -2.34 10.13
N SER C 159 -24.05 -2.13 9.66
CA SER C 159 -22.87 -2.04 10.52
C SER C 159 -22.73 -3.26 11.43
N GLY C 160 -23.12 -4.43 10.94
CA GLY C 160 -23.00 -5.65 11.71
C GLY C 160 -24.17 -5.96 12.62
N ALA C 161 -25.20 -5.10 12.62
CA ALA C 161 -26.38 -5.36 13.45
C ALA C 161 -27.25 -6.47 12.88
N LEU C 162 -27.23 -6.66 11.56
CA LEU C 162 -28.11 -7.62 10.88
C LEU C 162 -27.29 -8.82 10.43
N THR C 163 -27.57 -9.98 11.03
CA THR C 163 -26.94 -11.24 10.64
C THR C 163 -27.93 -12.34 10.26
N SER C 164 -29.14 -12.31 10.80
CA SER C 164 -30.13 -13.31 10.43
C SER C 164 -30.66 -13.05 9.03
N GLY C 165 -30.68 -14.09 8.20
CA GLY C 165 -31.14 -13.97 6.84
C GLY C 165 -30.11 -13.42 5.88
N VAL C 166 -28.87 -13.23 6.33
CA VAL C 166 -27.80 -12.68 5.50
C VAL C 166 -27.03 -13.84 4.89
N HIS C 167 -26.82 -13.77 3.56
CA HIS C 167 -26.01 -14.74 2.85
C HIS C 167 -25.00 -13.97 2.00
N THR C 168 -23.73 -14.09 2.36
CA THR C 168 -22.67 -13.49 1.56
C THR C 168 -22.02 -14.63 0.78
N PHE C 169 -22.06 -14.55 -0.54
CA PHE C 169 -21.62 -15.67 -1.34
C PHE C 169 -20.12 -15.67 -1.54
N PRO C 170 -19.51 -16.85 -1.73
CA PRO C 170 -18.11 -16.91 -2.11
C PRO C 170 -17.84 -16.14 -3.38
N ALA C 171 -16.68 -15.48 -3.43
CA ALA C 171 -16.30 -14.73 -4.61
C ALA C 171 -16.10 -15.65 -5.80
N VAL C 172 -16.40 -15.14 -6.98
CA VAL C 172 -16.11 -15.83 -8.23
C VAL C 172 -15.05 -15.03 -8.95
N LEU C 173 -14.17 -15.74 -9.66
CA LEU C 173 -13.16 -15.11 -10.47
C LEU C 173 -13.69 -14.98 -11.89
N GLN C 174 -13.82 -13.74 -12.35
CA GLN C 174 -14.27 -13.49 -13.70
C GLN C 174 -13.12 -13.67 -14.68
N SER C 175 -13.47 -13.84 -15.96
CA SER C 175 -12.46 -14.02 -16.99
C SER C 175 -11.49 -12.86 -17.05
N SER C 176 -11.94 -11.66 -16.65
CA SER C 176 -11.09 -10.49 -16.61
C SER C 176 -9.97 -10.59 -15.59
N GLY C 177 -9.97 -11.60 -14.72
CA GLY C 177 -9.03 -11.68 -13.63
C GLY C 177 -9.47 -10.94 -12.38
N LEU C 178 -10.64 -10.30 -12.39
CA LEU C 178 -11.16 -9.60 -11.24
C LEU C 178 -12.19 -10.49 -10.53
N TYR C 179 -12.29 -10.30 -9.22
CA TYR C 179 -13.24 -11.06 -8.42
C TYR C 179 -14.57 -10.32 -8.32
N SER C 180 -15.63 -11.09 -8.08
CA SER C 180 -16.93 -10.48 -7.85
C SER C 180 -17.68 -11.33 -6.84
N LEU C 181 -18.53 -10.67 -6.06
CA LEU C 181 -19.25 -11.32 -4.98
C LEU C 181 -20.59 -10.62 -4.82
N SER C 182 -21.55 -11.34 -4.24
CA SER C 182 -22.83 -10.75 -3.89
C SER C 182 -23.17 -11.12 -2.45
N SER C 183 -23.92 -10.24 -1.79
CA SER C 183 -24.43 -10.47 -0.45
C SER C 183 -25.90 -10.09 -0.44
N VAL C 184 -26.75 -10.95 0.12
CA VAL C 184 -28.19 -10.75 0.11
C VAL C 184 -28.78 -10.92 1.51
N VAL C 185 -29.88 -10.22 1.75
CA VAL C 185 -30.65 -10.35 2.99
C VAL C 185 -32.07 -10.75 2.61
N THR C 186 -32.59 -11.78 3.27
CA THR C 186 -33.95 -12.25 3.03
C THR C 186 -34.80 -11.98 4.26
N VAL C 187 -35.89 -11.25 4.07
CA VAL C 187 -36.77 -10.85 5.17
C VAL C 187 -38.22 -11.03 4.76
N PRO C 188 -39.10 -11.25 5.73
CA PRO C 188 -40.55 -11.20 5.43
C PRO C 188 -40.96 -9.83 4.93
N SER C 189 -41.91 -9.82 3.98
CA SER C 189 -42.28 -8.59 3.28
C SER C 189 -42.82 -7.51 4.21
N SER C 190 -43.44 -7.89 5.33
CA SER C 190 -44.02 -6.91 6.24
C SER C 190 -42.96 -5.98 6.82
N SER C 191 -41.74 -6.47 7.02
CA SER C 191 -40.67 -5.62 7.52
C SER C 191 -40.31 -4.52 6.51
N LEU C 192 -40.52 -4.78 5.22
CA LEU C 192 -40.09 -3.84 4.20
C LEU C 192 -40.68 -2.44 4.39
N GLY C 193 -41.85 -2.34 5.02
CA GLY C 193 -42.48 -1.03 5.14
C GLY C 193 -41.63 -0.04 5.91
N THR C 194 -41.09 -0.46 7.06
CA THR C 194 -40.46 0.45 8.01
C THR C 194 -38.98 0.16 8.30
N LYS C 195 -38.39 -0.88 7.72
CA LYS C 195 -37.02 -1.25 8.04
C LYS C 195 -36.05 -0.78 6.96
N THR C 196 -34.81 -0.54 7.38
CA THR C 196 -33.74 -0.06 6.51
C THR C 196 -32.64 -1.10 6.35
N TYR C 197 -32.02 -1.10 5.15
CA TYR C 197 -30.99 -2.08 4.83
C TYR C 197 -29.80 -1.39 4.16
N THR C 198 -28.65 -1.46 4.79
CA THR C 198 -27.42 -0.85 4.28
C THR C 198 -26.30 -1.88 4.34
N CYS C 199 -25.64 -2.11 3.21
CA CYS C 199 -24.50 -3.03 3.16
C CYS C 199 -23.21 -2.23 3.26
N ASN C 200 -22.29 -2.70 4.09
CA ASN C 200 -21.00 -2.06 4.33
C ASN C 200 -19.92 -2.92 3.69
N VAL C 201 -19.22 -2.36 2.71
CA VAL C 201 -18.22 -3.08 1.94
C VAL C 201 -16.86 -2.44 2.22
N ASP C 202 -15.85 -3.28 2.50
CA ASP C 202 -14.52 -2.82 2.84
C ASP C 202 -13.51 -3.60 2.02
N HIS C 203 -12.68 -2.89 1.25
CA HIS C 203 -11.60 -3.48 0.46
C HIS C 203 -10.29 -2.81 0.86
N LYS C 204 -9.63 -3.37 1.87
CA LYS C 204 -8.41 -2.77 2.39
C LYS C 204 -7.30 -2.61 1.36
N PRO C 205 -7.02 -3.57 0.47
CA PRO C 205 -5.92 -3.39 -0.48
C PRO C 205 -6.02 -2.15 -1.34
N SER C 206 -7.21 -1.64 -1.62
CA SER C 206 -7.34 -0.43 -2.43
C SER C 206 -7.84 0.75 -1.60
N ASN C 207 -7.89 0.62 -0.28
CA ASN C 207 -8.39 1.67 0.61
C ASN C 207 -9.80 2.09 0.21
N THR C 208 -10.64 1.10 -0.11
CA THR C 208 -12.02 1.32 -0.53
C THR C 208 -12.97 0.99 0.61
N LYS C 209 -13.78 1.97 1.02
CA LYS C 209 -14.86 1.78 1.98
C LYS C 209 -16.13 2.33 1.36
N VAL C 210 -17.17 1.50 1.30
CA VAL C 210 -18.44 1.88 0.70
C VAL C 210 -19.57 1.42 1.62
N ASP C 211 -20.47 2.35 1.94
CA ASP C 211 -21.74 2.02 2.58
C ASP C 211 -22.85 2.35 1.59
N LYS C 212 -23.68 1.38 1.27
CA LYS C 212 -24.73 1.58 0.28
C LYS C 212 -26.07 1.19 0.88
N ARG C 213 -27.00 2.16 0.95
CA ARG C 213 -28.36 1.86 1.36
C ARG C 213 -29.12 1.30 0.17
N VAL C 214 -29.71 0.12 0.34
CA VAL C 214 -30.40 -0.59 -0.71
C VAL C 214 -31.89 -0.40 -0.53
N HIS C 215 -32.55 0.14 -1.56
CA HIS C 215 -33.99 0.38 -1.49
C HIS C 215 -34.76 -0.88 -1.86
N HIS C 216 -35.99 -0.96 -1.36
CA HIS C 216 -36.81 -2.15 -1.50
C HIS C 216 -37.31 -2.35 -2.92
N HIS C 217 -37.35 -1.29 -3.73
CA HIS C 217 -37.80 -1.36 -5.11
C HIS C 217 -36.75 -0.75 -6.01
N HIS C 218 -36.77 -1.14 -7.29
CA HIS C 218 -35.88 -0.55 -8.29
C HIS C 218 -36.43 0.80 -8.73
N ASP D 1 8.82 -37.27 2.88
CA ASP D 1 7.76 -36.62 3.64
C ASP D 1 6.65 -37.60 3.99
N ILE D 2 6.08 -37.46 5.18
CA ILE D 2 4.97 -38.30 5.60
C ILE D 2 3.70 -37.85 4.88
N GLU D 3 3.10 -38.76 4.13
CA GLU D 3 1.83 -38.50 3.47
C GLU D 3 0.68 -38.94 4.38
N LEU D 4 -0.35 -38.09 4.43
CA LEU D 4 -1.58 -38.38 5.18
C LEU D 4 -2.74 -38.43 4.19
N THR D 5 -3.50 -39.52 4.23
CA THR D 5 -4.63 -39.74 3.34
C THR D 5 -5.89 -39.92 4.19
N GLN D 6 -6.91 -39.11 3.92
CA GLN D 6 -8.16 -39.17 4.65
C GLN D 6 -9.23 -39.83 3.79
N SER D 7 -10.15 -40.52 4.45
CA SER D 7 -11.24 -41.17 3.75
C SER D 7 -12.43 -41.25 4.68
N PRO D 8 -13.65 -40.95 4.19
CA PRO D 8 -13.92 -40.47 2.83
C PRO D 8 -13.57 -39.00 2.66
N LEU D 9 -13.58 -38.49 1.43
CA LEU D 9 -13.34 -37.07 1.22
C LEU D 9 -14.58 -36.23 1.55
N THR D 10 -15.77 -36.79 1.37
CA THR D 10 -17.02 -36.14 1.73
C THR D 10 -17.88 -37.10 2.53
N LEU D 11 -18.45 -36.62 3.63
CA LEU D 11 -19.24 -37.44 4.53
C LEU D 11 -20.58 -36.75 4.78
N SER D 12 -21.67 -37.41 4.39
CA SER D 12 -23.02 -36.88 4.57
C SER D 12 -23.74 -37.74 5.60
N VAL D 13 -24.14 -37.12 6.71
CA VAL D 13 -24.68 -37.83 7.86
C VAL D 13 -25.97 -37.17 8.31
N ILE D 14 -26.98 -38.00 8.60
CA ILE D 14 -28.19 -37.50 9.23
C ILE D 14 -27.87 -37.12 10.67
N ILE D 15 -28.42 -35.99 11.13
CA ILE D 15 -28.16 -35.55 12.49
C ILE D 15 -28.61 -36.63 13.47
N GLY D 16 -27.78 -36.88 14.48
CA GLY D 16 -28.06 -37.91 15.44
C GLY D 16 -27.42 -39.25 15.14
N GLN D 17 -26.94 -39.44 13.91
CA GLN D 17 -26.25 -40.65 13.49
C GLN D 17 -24.75 -40.54 13.77
N PRO D 18 -24.06 -41.66 13.96
CA PRO D 18 -22.61 -41.61 14.12
C PRO D 18 -21.88 -41.34 12.82
N ALA D 19 -20.65 -40.85 12.95
CA ALA D 19 -19.78 -40.60 11.80
C ALA D 19 -18.36 -41.02 12.13
N SER D 20 -17.63 -41.44 11.11
CA SER D 20 -16.26 -41.91 11.28
C SER D 20 -15.40 -41.38 10.15
N ILE D 21 -14.23 -40.82 10.50
CA ILE D 21 -13.27 -40.30 9.52
C ILE D 21 -11.95 -41.01 9.73
N SER D 22 -11.40 -41.55 8.65
CA SER D 22 -10.16 -42.32 8.70
C SER D 22 -9.00 -41.45 8.21
N CYS D 23 -7.85 -41.60 8.87
CA CYS D 23 -6.62 -40.93 8.48
C CYS D 23 -5.49 -41.95 8.52
N LYS D 24 -4.88 -42.20 7.37
CA LYS D 24 -3.82 -43.19 7.24
C LYS D 24 -2.54 -42.49 6.83
N SER D 25 -1.44 -42.82 7.51
CA SER D 25 -0.14 -42.22 7.25
C SER D 25 0.72 -43.15 6.42
N SER D 26 1.52 -42.57 5.52
CA SER D 26 2.35 -43.38 4.64
C SER D 26 3.37 -44.19 5.44
N GLN D 27 3.90 -43.62 6.51
CA GLN D 27 4.78 -44.32 7.45
C GLN D 27 4.27 -44.11 8.87
N SER D 28 4.83 -44.87 9.80
CA SER D 28 4.41 -44.77 11.19
C SER D 28 4.65 -43.37 11.74
N LEU D 29 3.78 -42.96 12.67
CA LEU D 29 3.88 -41.66 13.33
C LEU D 29 4.31 -41.80 14.78
N LEU D 30 4.80 -42.98 15.16
CA LEU D 30 5.41 -43.16 16.47
C LEU D 30 6.77 -42.48 16.48
N TYR D 31 7.03 -41.70 17.53
CA TYR D 31 8.32 -41.03 17.69
C TYR D 31 9.18 -41.80 18.68
N SER D 32 10.46 -41.44 18.71
CA SER D 32 11.43 -42.14 19.54
C SER D 32 11.11 -42.02 21.03
N ASP D 33 10.42 -40.96 21.44
CA ASP D 33 10.14 -40.80 22.86
C ASP D 33 9.08 -41.78 23.34
N GLY D 34 8.07 -42.07 22.53
CA GLY D 34 7.04 -43.02 22.89
C GLY D 34 5.69 -42.61 22.34
N THR D 35 5.58 -41.31 22.07
CA THR D 35 4.34 -40.63 21.77
C THR D 35 4.07 -40.59 20.27
N THR D 36 2.79 -40.65 19.91
CA THR D 36 2.33 -40.51 18.53
C THR D 36 1.68 -39.14 18.36
N TYR D 37 2.26 -38.32 17.49
CA TYR D 37 1.88 -36.93 17.30
C TYR D 37 0.95 -36.76 16.09
N LEU D 38 -0.22 -37.39 16.19
CA LEU D 38 -1.30 -37.18 15.23
C LEU D 38 -2.43 -36.38 15.87
N ASN D 39 -2.83 -35.30 15.20
CA ASN D 39 -3.85 -34.38 15.69
C ASN D 39 -4.98 -34.23 14.68
N TRP D 40 -6.12 -33.72 15.17
CA TRP D 40 -7.30 -33.48 14.35
C TRP D 40 -7.78 -32.05 14.52
N LEU D 41 -8.05 -31.38 13.39
CA LEU D 41 -8.57 -30.02 13.30
C LEU D 41 -9.98 -30.01 12.74
N LEU D 42 -10.77 -29.02 13.17
CA LEU D 42 -12.02 -28.68 12.50
C LEU D 42 -11.94 -27.23 12.03
N GLN D 43 -12.31 -27.01 10.76
CA GLN D 43 -12.47 -25.67 10.23
C GLN D 43 -13.92 -25.49 9.79
N ARG D 44 -14.69 -24.75 10.57
CA ARG D 44 -16.04 -24.40 10.18
C ARG D 44 -16.01 -23.34 9.08
N PRO D 45 -17.06 -23.25 8.26
CA PRO D 45 -17.01 -22.35 7.10
C PRO D 45 -16.72 -20.91 7.50
N GLY D 46 -15.76 -20.30 6.79
CA GLY D 46 -15.40 -18.92 7.06
C GLY D 46 -14.76 -18.66 8.39
N GLN D 47 -14.17 -19.67 9.02
CA GLN D 47 -13.58 -19.54 10.33
C GLN D 47 -12.17 -20.10 10.33
N SER D 48 -11.41 -19.75 11.37
CA SER D 48 -10.08 -20.31 11.53
C SER D 48 -10.18 -21.76 12.01
N PRO D 49 -9.18 -22.60 11.68
CA PRO D 49 -9.16 -23.96 12.21
C PRO D 49 -9.12 -23.96 13.73
N LYS D 50 -9.75 -24.99 14.32
CA LYS D 50 -9.72 -25.20 15.76
C LYS D 50 -9.36 -26.66 16.02
N ARG D 51 -8.37 -26.88 16.89
CA ARG D 51 -7.94 -28.24 17.19
C ARG D 51 -8.95 -28.94 18.08
N LEU D 52 -9.32 -30.16 17.72
CA LEU D 52 -10.24 -31.00 18.47
C LEU D 52 -9.55 -32.10 19.26
N ILE D 53 -8.61 -32.80 18.64
CA ILE D 53 -7.97 -33.98 19.22
C ILE D 53 -6.47 -33.90 18.97
N TYR D 54 -5.68 -33.95 20.05
CA TYR D 54 -4.22 -34.04 19.95
C TYR D 54 -3.74 -35.40 20.46
N LEU D 55 -2.56 -35.80 20.01
CA LEU D 55 -1.89 -37.02 20.49
C LEU D 55 -2.78 -38.25 20.35
N VAL D 56 -3.44 -38.34 19.19
CA VAL D 56 -4.28 -39.47 18.76
C VAL D 56 -5.63 -39.48 19.47
N SER D 57 -5.64 -39.54 20.80
CA SER D 57 -6.87 -39.74 21.53
C SER D 57 -7.19 -38.69 22.58
N LYS D 58 -6.36 -37.66 22.74
CA LYS D 58 -6.57 -36.65 23.77
C LYS D 58 -7.47 -35.54 23.23
N VAL D 59 -8.66 -35.40 23.83
CA VAL D 59 -9.67 -34.46 23.37
C VAL D 59 -9.43 -33.10 24.01
N ASP D 60 -9.45 -32.05 23.19
CA ASP D 60 -9.25 -30.68 23.65
C ASP D 60 -10.39 -30.23 24.55
N SER D 61 -10.06 -29.34 25.49
CA SER D 61 -11.05 -28.76 26.37
C SER D 61 -12.12 -28.01 25.58
N GLY D 62 -13.37 -28.16 25.99
CA GLY D 62 -14.48 -27.53 25.31
C GLY D 62 -15.07 -28.33 24.17
N VAL D 63 -14.50 -29.48 23.84
CA VAL D 63 -15.00 -30.34 22.77
C VAL D 63 -15.95 -31.35 23.37
N PRO D 64 -17.16 -31.51 22.83
CA PRO D 64 -18.13 -32.44 23.43
C PRO D 64 -17.61 -33.86 23.40
N ASP D 65 -18.06 -34.66 24.37
CA ASP D 65 -17.61 -36.05 24.48
C ASP D 65 -18.02 -36.89 23.28
N ARG D 66 -18.85 -36.35 22.39
CA ARG D 66 -19.20 -37.06 21.15
C ARG D 66 -17.96 -37.36 20.31
N PHE D 67 -16.93 -36.52 20.41
CA PHE D 67 -15.70 -36.68 19.65
C PHE D 67 -14.70 -37.57 20.39
N THR D 68 -14.22 -38.61 19.71
CA THR D 68 -13.16 -39.47 20.22
C THR D 68 -12.17 -39.78 19.10
N GLY D 69 -10.89 -39.87 19.47
CA GLY D 69 -9.84 -40.25 18.55
C GLY D 69 -9.24 -41.58 18.96
N SER D 70 -8.86 -42.39 17.97
CA SER D 70 -8.28 -43.70 18.23
C SER D 70 -7.32 -44.03 17.09
N GLY D 71 -6.64 -45.16 17.24
CA GLY D 71 -5.69 -45.64 16.26
C GLY D 71 -4.27 -45.63 16.81
N SER D 72 -3.38 -46.27 16.05
CA SER D 72 -1.97 -46.25 16.38
C SER D 72 -1.19 -46.69 15.15
N GLY D 73 0.08 -46.30 15.10
CA GLY D 73 0.88 -46.68 13.96
C GLY D 73 0.56 -45.83 12.75
N THR D 74 0.03 -46.48 11.71
CA THR D 74 -0.33 -45.83 10.45
C THR D 74 -1.82 -45.54 10.31
N ASP D 75 -2.70 -46.22 11.06
CA ASP D 75 -4.14 -46.08 10.90
C ASP D 75 -4.74 -45.34 12.09
N PHE D 76 -5.51 -44.28 11.80
CA PHE D 76 -6.13 -43.45 12.83
C PHE D 76 -7.57 -43.15 12.43
N THR D 77 -8.40 -42.86 13.44
CA THR D 77 -9.82 -42.62 13.23
C THR D 77 -10.34 -41.54 14.18
N LEU D 78 -11.16 -40.64 13.65
CA LEU D 78 -11.94 -39.72 14.46
C LEU D 78 -13.41 -40.11 14.35
N LYS D 79 -14.08 -40.26 15.49
CA LYS D 79 -15.47 -40.67 15.53
C LYS D 79 -16.31 -39.63 16.27
N ILE D 80 -17.49 -39.38 15.73
CA ILE D 80 -18.52 -38.58 16.38
C ILE D 80 -19.68 -39.50 16.70
N SER D 81 -19.98 -39.67 17.98
CA SER D 81 -21.02 -40.61 18.40
C SER D 81 -22.38 -40.20 17.83
N ARG D 82 -22.75 -38.93 18.01
CA ARG D 82 -23.96 -38.38 17.40
C ARG D 82 -23.57 -37.11 16.66
N VAL D 83 -23.91 -37.04 15.38
CA VAL D 83 -23.57 -35.87 14.58
C VAL D 83 -24.57 -34.76 14.89
N GLU D 84 -24.07 -33.62 15.34
CA GLU D 84 -24.90 -32.45 15.57
C GLU D 84 -24.70 -31.42 14.46
N ALA D 85 -25.52 -30.38 14.49
CA ALA D 85 -25.46 -29.35 13.45
C ALA D 85 -24.13 -28.58 13.51
N GLU D 86 -23.61 -28.36 14.72
CA GLU D 86 -22.42 -27.53 14.92
C GLU D 86 -21.14 -28.19 14.43
N ASP D 87 -21.21 -29.47 14.04
CA ASP D 87 -20.02 -30.21 13.64
C ASP D 87 -19.70 -30.09 12.15
N LEU D 88 -20.55 -29.44 11.35
CA LEU D 88 -20.29 -29.42 9.91
C LEU D 88 -19.08 -28.55 9.60
N GLY D 89 -18.36 -28.94 8.57
CA GLY D 89 -17.12 -28.29 8.21
C GLY D 89 -16.16 -29.31 7.66
N VAL D 90 -14.90 -28.89 7.55
CA VAL D 90 -13.84 -29.74 7.02
C VAL D 90 -12.93 -30.18 8.16
N TYR D 91 -12.73 -31.48 8.30
CA TYR D 91 -11.85 -32.05 9.30
C TYR D 91 -10.52 -32.40 8.64
N TYR D 92 -9.43 -32.00 9.30
CA TYR D 92 -8.08 -32.29 8.85
C TYR D 92 -7.33 -33.05 9.92
N CYS D 93 -6.58 -34.06 9.51
CA CYS D 93 -5.61 -34.69 10.39
C CYS D 93 -4.23 -34.19 9.99
N TRP D 94 -3.32 -34.14 10.95
CA TRP D 94 -1.96 -33.74 10.63
C TRP D 94 -1.00 -34.34 11.65
N GLN D 95 0.26 -34.48 11.23
CA GLN D 95 1.28 -35.13 12.04
C GLN D 95 2.37 -34.14 12.44
N GLY D 96 2.74 -34.16 13.72
CA GLY D 96 3.83 -33.36 14.23
C GLY D 96 5.04 -34.17 14.62
N THR D 97 5.14 -35.39 14.07
CA THR D 97 6.23 -36.28 14.43
C THR D 97 7.53 -35.92 13.71
N HIS D 98 7.50 -35.90 12.38
CA HIS D 98 8.70 -35.71 11.59
C HIS D 98 8.57 -34.49 10.69
N PHE D 99 9.68 -33.78 10.49
CA PHE D 99 9.70 -32.71 9.52
C PHE D 99 9.67 -33.29 8.10
N PRO D 100 8.97 -32.65 7.17
CA PRO D 100 8.08 -31.51 7.45
C PRO D 100 6.74 -31.95 8.03
N PHE D 101 6.13 -31.09 8.84
CA PHE D 101 4.78 -31.35 9.30
C PHE D 101 3.83 -31.29 8.11
N THR D 102 2.91 -32.25 8.04
CA THR D 102 2.04 -32.43 6.88
C THR D 102 0.60 -32.63 7.32
N PHE D 103 -0.32 -32.18 6.47
CA PHE D 103 -1.76 -32.27 6.71
C PHE D 103 -2.40 -33.21 5.72
N GLY D 104 -3.52 -33.80 6.11
CA GLY D 104 -4.39 -34.47 5.16
C GLY D 104 -5.13 -33.46 4.29
N SER D 105 -5.76 -33.98 3.22
CA SER D 105 -6.44 -33.09 2.29
C SER D 105 -7.75 -32.54 2.84
N GLY D 106 -8.26 -33.14 3.91
CA GLY D 106 -9.48 -32.64 4.52
C GLY D 106 -10.70 -33.45 4.17
N THR D 107 -11.58 -33.68 5.14
CA THR D 107 -12.83 -34.41 4.95
C THR D 107 -13.97 -33.46 5.29
N LYS D 108 -14.84 -33.21 4.33
CA LYS D 108 -15.97 -32.30 4.52
C LYS D 108 -17.17 -33.07 5.09
N LEU D 109 -17.65 -32.65 6.25
CA LEU D 109 -18.83 -33.24 6.86
C LEU D 109 -20.05 -32.37 6.52
N GLU D 110 -21.03 -32.96 5.86
CA GLU D 110 -22.27 -32.31 5.49
C GLU D 110 -23.44 -32.96 6.21
N LEU D 111 -24.46 -32.16 6.49
CA LEU D 111 -25.68 -32.67 7.09
C LEU D 111 -26.61 -33.16 5.99
N LYS D 112 -27.19 -34.33 6.18
CA LYS D 112 -28.14 -34.89 5.24
C LYS D 112 -29.53 -34.61 5.77
N ARG D 113 -30.34 -33.92 4.97
CA ARG D 113 -31.71 -33.61 5.36
C ARG D 113 -32.64 -34.70 4.85
N ARG D 114 -33.60 -35.07 5.69
CA ARG D 114 -34.58 -36.08 5.30
C ARG D 114 -35.54 -35.53 4.27
N THR D 115 -35.88 -34.24 4.37
CA THR D 115 -36.85 -33.63 3.47
C THR D 115 -36.15 -32.58 2.61
N VAL D 116 -36.71 -32.37 1.42
CA VAL D 116 -36.17 -31.36 0.53
C VAL D 116 -36.67 -29.98 0.97
N ALA D 117 -35.93 -28.96 0.55
CA ALA D 117 -36.33 -27.57 0.77
C ALA D 117 -36.32 -26.88 -0.59
N ALA D 118 -37.44 -26.27 -0.95
CA ALA D 118 -37.53 -25.60 -2.23
C ALA D 118 -36.84 -24.25 -2.15
N PRO D 119 -36.21 -23.81 -3.24
CA PRO D 119 -35.60 -22.48 -3.23
C PRO D 119 -36.66 -21.40 -3.38
N SER D 120 -36.47 -20.33 -2.62
CA SER D 120 -37.13 -19.07 -2.95
C SER D 120 -36.30 -18.39 -4.02
N VAL D 121 -36.93 -18.04 -5.14
CA VAL D 121 -36.23 -17.55 -6.32
C VAL D 121 -36.51 -16.08 -6.49
N PHE D 122 -35.46 -15.27 -6.65
CA PHE D 122 -35.58 -13.85 -6.89
C PHE D 122 -34.71 -13.45 -8.07
N ILE D 123 -35.17 -12.47 -8.84
CA ILE D 123 -34.37 -11.91 -9.92
C ILE D 123 -34.20 -10.42 -9.65
N PHE D 124 -32.98 -9.93 -9.89
CA PHE D 124 -32.66 -8.52 -9.64
C PHE D 124 -32.17 -7.88 -10.94
N PRO D 125 -32.76 -6.79 -11.40
CA PRO D 125 -32.28 -6.13 -12.63
C PRO D 125 -30.99 -5.38 -12.38
N PRO D 126 -30.27 -4.99 -13.42
CA PRO D 126 -29.07 -4.17 -13.20
C PRO D 126 -29.45 -2.81 -12.65
N SER D 127 -28.63 -2.31 -11.75
CA SER D 127 -28.91 -1.02 -11.13
C SER D 127 -28.65 0.11 -12.11
N ASP D 128 -29.32 1.24 -11.88
CA ASP D 128 -29.08 2.42 -12.69
C ASP D 128 -27.64 2.90 -12.55
N GLU D 129 -27.07 2.75 -11.35
CA GLU D 129 -25.67 3.13 -11.15
C GLU D 129 -24.74 2.32 -12.04
N GLN D 130 -24.99 1.02 -12.16
CA GLN D 130 -24.10 0.18 -12.98
C GLN D 130 -24.26 0.50 -14.46
N LEU D 131 -25.48 0.74 -14.92
CA LEU D 131 -25.71 1.00 -16.33
C LEU D 131 -24.93 2.20 -16.84
N LYS D 132 -24.61 3.13 -15.95
CA LYS D 132 -23.78 4.27 -16.34
C LYS D 132 -22.36 3.84 -16.73
N SER D 133 -21.89 2.69 -16.24
CA SER D 133 -20.52 2.23 -16.46
C SER D 133 -20.34 1.40 -17.72
N GLY D 134 -21.39 1.09 -18.46
CA GLY D 134 -21.25 0.34 -19.70
C GLY D 134 -21.36 -1.16 -19.57
N THR D 135 -21.72 -1.67 -18.39
CA THR D 135 -21.90 -3.10 -18.19
C THR D 135 -23.22 -3.30 -17.46
N ALA D 136 -23.86 -4.45 -17.68
CA ALA D 136 -25.12 -4.78 -17.02
C ALA D 136 -25.05 -6.18 -16.42
N SER D 137 -25.25 -6.27 -15.11
CA SER D 137 -25.30 -7.54 -14.39
C SER D 137 -26.73 -7.84 -13.95
N VAL D 138 -27.22 -9.02 -14.31
CA VAL D 138 -28.51 -9.51 -13.85
C VAL D 138 -28.24 -10.66 -12.88
N VAL D 139 -28.88 -10.62 -11.72
CA VAL D 139 -28.59 -11.57 -10.65
C VAL D 139 -29.84 -12.39 -10.35
N CYS D 140 -29.66 -13.70 -10.27
CA CYS D 140 -30.70 -14.65 -9.89
C CYS D 140 -30.30 -15.28 -8.57
N LEU D 141 -31.18 -15.24 -7.58
CA LEU D 141 -30.91 -15.75 -6.25
C LEU D 141 -31.82 -16.94 -5.95
N LEU D 142 -31.23 -18.05 -5.53
CA LEU D 142 -31.95 -19.22 -5.05
C LEU D 142 -31.64 -19.34 -3.57
N ASN D 143 -32.65 -19.13 -2.73
CA ASN D 143 -32.44 -19.03 -1.29
C ASN D 143 -32.96 -20.27 -0.57
N ASN D 144 -32.11 -20.84 0.29
CA ASN D 144 -32.47 -21.87 1.27
C ASN D 144 -33.13 -23.08 0.61
N PHE D 145 -32.30 -23.89 -0.07
CA PHE D 145 -32.81 -25.09 -0.73
C PHE D 145 -31.93 -26.29 -0.38
N TYR D 146 -32.51 -27.48 -0.59
CA TYR D 146 -31.85 -28.75 -0.37
C TYR D 146 -32.60 -29.81 -1.17
N PRO D 147 -31.91 -30.73 -1.86
CA PRO D 147 -30.45 -30.86 -1.91
C PRO D 147 -29.78 -29.78 -2.73
N ARG D 148 -28.45 -29.79 -2.72
CA ARG D 148 -27.66 -28.75 -3.36
C ARG D 148 -27.89 -28.73 -4.87
N GLU D 149 -28.27 -29.87 -5.44
CA GLU D 149 -28.59 -30.02 -6.85
C GLU D 149 -29.67 -29.03 -7.27
N ALA D 150 -29.35 -28.08 -8.13
CA ALA D 150 -30.34 -27.16 -8.66
C ALA D 150 -29.82 -26.64 -9.99
N LYS D 151 -30.74 -26.34 -10.89
CA LYS D 151 -30.39 -25.86 -12.21
C LYS D 151 -30.95 -24.47 -12.46
N VAL D 152 -30.08 -23.56 -12.90
CA VAL D 152 -30.44 -22.20 -13.24
C VAL D 152 -30.16 -21.99 -14.71
N GLN D 153 -31.17 -21.51 -15.45
CA GLN D 153 -31.05 -21.24 -16.87
C GLN D 153 -31.43 -19.79 -17.12
N TRP D 154 -30.51 -19.03 -17.70
CA TRP D 154 -30.76 -17.66 -18.11
C TRP D 154 -31.37 -17.62 -19.50
N LYS D 155 -32.33 -16.72 -19.68
CA LYS D 155 -32.97 -16.53 -20.97
C LYS D 155 -33.06 -15.03 -21.25
N VAL D 156 -32.70 -14.64 -22.46
CA VAL D 156 -32.78 -13.25 -22.91
C VAL D 156 -33.65 -13.24 -24.16
N ASP D 157 -34.79 -12.56 -24.08
CA ASP D 157 -35.79 -12.57 -25.16
C ASP D 157 -36.12 -14.00 -25.56
N ASN D 158 -36.25 -14.87 -24.55
CA ASN D 158 -36.61 -16.28 -24.68
C ASN D 158 -35.53 -17.11 -25.36
N ALA D 159 -34.33 -16.56 -25.55
CA ALA D 159 -33.19 -17.30 -26.07
C ALA D 159 -32.34 -17.76 -24.89
N LEU D 160 -32.04 -19.04 -24.85
CA LEU D 160 -31.25 -19.58 -23.75
C LEU D 160 -29.80 -19.14 -23.87
N GLN D 161 -29.24 -18.67 -22.77
CA GLN D 161 -27.89 -18.12 -22.71
C GLN D 161 -26.89 -19.20 -22.32
N SER D 162 -25.68 -19.08 -22.85
CA SER D 162 -24.61 -20.00 -22.54
C SER D 162 -23.29 -19.25 -22.46
N GLY D 163 -22.50 -19.53 -21.44
CA GLY D 163 -21.15 -19.02 -21.34
C GLY D 163 -20.99 -17.61 -20.81
N ASN D 164 -22.09 -16.92 -20.45
CA ASN D 164 -22.00 -15.54 -19.99
C ASN D 164 -22.55 -15.38 -18.57
N SER D 165 -22.55 -16.45 -17.78
CA SER D 165 -23.02 -16.37 -16.41
C SER D 165 -22.08 -17.15 -15.51
N GLN D 166 -22.09 -16.80 -14.22
CA GLN D 166 -21.30 -17.48 -13.23
C GLN D 166 -22.14 -17.64 -11.97
N GLU D 167 -21.92 -18.77 -11.29
CA GLU D 167 -22.66 -19.16 -10.11
C GLU D 167 -21.75 -19.20 -8.89
N SER D 168 -22.33 -18.89 -7.74
CA SER D 168 -21.69 -19.10 -6.45
C SER D 168 -22.68 -19.75 -5.50
N VAL D 169 -22.21 -20.72 -4.71
CA VAL D 169 -23.05 -21.48 -3.78
C VAL D 169 -22.47 -21.34 -2.38
N THR D 170 -23.32 -21.04 -1.41
CA THR D 170 -22.86 -20.97 -0.03
C THR D 170 -22.57 -22.37 0.52
N GLU D 171 -21.81 -22.40 1.62
CA GLU D 171 -21.67 -23.64 2.36
C GLU D 171 -22.99 -23.97 3.03
N GLN D 172 -23.15 -25.23 3.42
CA GLN D 172 -24.36 -25.66 4.09
C GLN D 172 -24.54 -24.90 5.39
N ASP D 173 -25.75 -24.37 5.60
CA ASP D 173 -26.06 -23.64 6.82
C ASP D 173 -26.30 -24.59 7.98
N SER D 174 -25.69 -24.30 9.13
CA SER D 174 -25.87 -25.14 10.31
C SER D 174 -27.32 -25.17 10.76
N LYS D 175 -28.03 -24.04 10.64
CA LYS D 175 -29.34 -23.91 11.27
C LYS D 175 -30.38 -24.82 10.62
N ASP D 176 -30.44 -24.86 9.28
CA ASP D 176 -31.48 -25.62 8.60
C ASP D 176 -30.93 -26.57 7.54
N SER D 177 -29.62 -26.71 7.44
CA SER D 177 -28.95 -27.62 6.50
C SER D 177 -29.23 -27.28 5.04
N THR D 178 -29.62 -26.06 4.74
CA THR D 178 -29.94 -25.63 3.38
C THR D 178 -28.78 -24.87 2.75
N TYR D 179 -28.85 -24.75 1.42
CA TYR D 179 -27.91 -23.98 0.64
C TYR D 179 -28.60 -22.76 0.03
N SER D 180 -27.79 -21.79 -0.39
CA SER D 180 -28.25 -20.68 -1.20
C SER D 180 -27.33 -20.52 -2.40
N LEU D 181 -27.86 -19.98 -3.49
CA LEU D 181 -27.11 -19.89 -4.73
C LEU D 181 -27.38 -18.55 -5.39
N SER D 182 -26.32 -17.98 -5.95
CA SER D 182 -26.36 -16.72 -6.67
C SER D 182 -25.84 -16.96 -8.07
N SER D 183 -26.56 -16.48 -9.07
CA SER D 183 -26.12 -16.56 -10.46
C SER D 183 -26.15 -15.17 -11.06
N THR D 184 -25.07 -14.79 -11.73
CA THR D 184 -24.91 -13.46 -12.31
C THR D 184 -24.78 -13.60 -13.81
N LEU D 185 -25.68 -12.96 -14.55
CA LEU D 185 -25.60 -12.90 -16.00
C LEU D 185 -24.92 -11.59 -16.37
N THR D 186 -23.82 -11.69 -17.12
CA THR D 186 -23.00 -10.54 -17.48
C THR D 186 -23.21 -10.22 -18.95
N LEU D 187 -23.68 -9.00 -19.22
CA LEU D 187 -23.87 -8.51 -20.58
C LEU D 187 -23.25 -7.12 -20.67
N SER D 188 -22.92 -6.72 -21.89
CA SER D 188 -22.58 -5.32 -22.11
C SER D 188 -23.84 -4.48 -22.03
N LYS D 189 -23.69 -3.21 -21.65
CA LYS D 189 -24.83 -2.31 -21.63
C LYS D 189 -25.49 -2.27 -23.01
N ALA D 190 -24.70 -2.31 -24.06
CA ALA D 190 -25.23 -2.35 -25.42
C ALA D 190 -26.11 -3.57 -25.63
N ASP D 191 -25.62 -4.74 -25.23
CA ASP D 191 -26.40 -5.97 -25.36
C ASP D 191 -27.65 -5.91 -24.50
N TYR D 192 -27.51 -5.38 -23.28
CA TYR D 192 -28.66 -5.28 -22.38
C TYR D 192 -29.74 -4.37 -22.95
N GLU D 193 -29.34 -3.27 -23.58
CA GLU D 193 -30.32 -2.33 -24.12
C GLU D 193 -31.00 -2.83 -25.40
N LYS D 194 -30.43 -3.84 -26.06
CA LYS D 194 -31.03 -4.38 -27.28
C LYS D 194 -32.16 -5.37 -27.03
N HIS D 195 -32.37 -5.81 -25.79
CA HIS D 195 -33.37 -6.83 -25.51
C HIS D 195 -34.29 -6.38 -24.38
N LYS D 196 -35.42 -7.07 -24.26
CA LYS D 196 -36.52 -6.68 -23.38
C LYS D 196 -36.74 -7.66 -22.23
N VAL D 197 -36.80 -8.96 -22.51
CA VAL D 197 -37.21 -9.96 -21.51
C VAL D 197 -35.97 -10.62 -20.92
N TYR D 198 -35.82 -10.51 -19.60
CA TYR D 198 -34.73 -11.14 -18.87
C TYR D 198 -35.30 -12.10 -17.84
N ALA D 199 -34.87 -13.36 -17.90
CA ALA D 199 -35.48 -14.38 -17.06
C ALA D 199 -34.44 -15.40 -16.62
N CYS D 200 -34.58 -15.90 -15.40
CA CYS D 200 -33.86 -17.07 -14.94
C CYS D 200 -34.90 -18.13 -14.59
N GLU D 201 -34.70 -19.34 -15.11
CA GLU D 201 -35.61 -20.45 -14.86
C GLU D 201 -34.90 -21.45 -13.97
N VAL D 202 -35.56 -21.85 -12.89
CA VAL D 202 -34.96 -22.69 -11.86
C VAL D 202 -35.71 -24.02 -11.82
N THR D 203 -34.95 -25.11 -11.91
CA THR D 203 -35.49 -26.45 -11.72
C THR D 203 -34.89 -27.00 -10.44
N HIS D 204 -35.74 -27.56 -9.59
CA HIS D 204 -35.29 -28.14 -8.33
C HIS D 204 -36.35 -29.09 -7.81
N GLN D 205 -35.89 -30.15 -7.13
CA GLN D 205 -36.78 -31.18 -6.61
C GLN D 205 -37.87 -30.63 -5.70
N GLY D 206 -37.59 -29.55 -4.98
CA GLY D 206 -38.58 -28.92 -4.14
C GLY D 206 -39.68 -28.17 -4.90
N LEU D 207 -39.50 -27.95 -6.19
CA LEU D 207 -40.46 -27.21 -6.99
C LEU D 207 -41.34 -28.18 -7.77
N SER D 208 -42.66 -27.96 -7.72
CA SER D 208 -43.60 -28.81 -8.45
C SER D 208 -43.35 -28.75 -9.95
N SER D 209 -42.99 -27.57 -10.45
CA SER D 209 -42.63 -27.38 -11.85
C SER D 209 -41.55 -26.31 -11.88
N PRO D 210 -40.78 -26.22 -12.97
CA PRO D 210 -39.73 -25.18 -13.04
C PRO D 210 -40.32 -23.79 -12.87
N VAL D 211 -39.62 -22.96 -12.11
CA VAL D 211 -40.08 -21.62 -11.78
C VAL D 211 -39.27 -20.61 -12.57
N THR D 212 -39.96 -19.65 -13.19
CA THR D 212 -39.30 -18.60 -13.94
C THR D 212 -39.60 -17.28 -13.25
N LYS D 213 -38.55 -16.55 -12.90
CA LYS D 213 -38.68 -15.17 -12.46
C LYS D 213 -38.13 -14.32 -13.59
N SER D 214 -38.85 -13.25 -13.93
CA SER D 214 -38.56 -12.52 -15.15
C SER D 214 -38.92 -11.05 -14.94
N PHE D 215 -38.29 -10.19 -15.74
CA PHE D 215 -38.66 -8.79 -15.78
C PHE D 215 -38.44 -8.27 -17.19
N ASN D 216 -39.11 -7.15 -17.49
CA ASN D 216 -38.94 -6.45 -18.75
C ASN D 216 -38.15 -5.17 -18.49
N ARG D 217 -37.08 -4.98 -19.26
CA ARG D 217 -36.14 -3.87 -19.02
C ARG D 217 -36.86 -2.53 -18.94
N GLY D 218 -37.88 -2.32 -19.77
CA GLY D 218 -38.58 -1.05 -19.74
C GLY D 218 -39.47 -0.90 -18.52
N GLU D 219 -40.25 -1.95 -18.19
CA GLU D 219 -41.28 -1.83 -17.17
C GLU D 219 -40.72 -1.69 -15.76
N CYS D 220 -39.44 -1.98 -15.56
CA CYS D 220 -38.85 -1.87 -14.23
C CYS D 220 -38.59 -0.44 -13.79
#